data_1L7V
#
_entry.id   1L7V
#
_cell.length_a   92.990
_cell.length_b   106.292
_cell.length_c   95.543
_cell.angle_alpha   90.00
_cell.angle_beta   99.29
_cell.angle_gamma   90.00
#
_symmetry.space_group_name_H-M   'P 1 21 1'
#
loop_
_entity.id
_entity.type
_entity.pdbx_description
1 polymer 'VITAMIN B12 TRANSPORT SYSTEM PERMEASE PROTEIN BTUC'
2 polymer 'Vitamin B12 transport ATP-binding protein btuD'
3 non-polymer CYCLO-TETRAMETAVANADATE
#
loop_
_entity_poly.entity_id
_entity_poly.type
_entity_poly.pdbx_seq_one_letter_code
_entity_poly.pdbx_strand_id
1 'polypeptide(L)'
;(MSE)LTLARQQQRQNIRWLLCLSVL(MSE)LLALLLSLCAGEQWISPGDWFTPRGELFVWQIRLPRTLAVLLVGAALAI
SGAV(MSE)QALFENPLAEPGLLGVSNGAGVGLIAAVLLGQGQLPNWALGLCAIAGALIITLILLRFARRHLSTSRLLLA
GVALGIICSAL(MSE)TWAIYFSTSVDLRQL(MSE)YW(MSE)(MSE)GGFGGVDWRQSWL(MSE)LALIPVLLWICCQS
RP(MSE)N(MSE)LALGEISARQLGLPLWFWRNVLVAATGW(MSE)VGVSVALAGAIGFIGLVIPHILRLCGLTDHRVLL
PGCALAGASALLLADIVARLALAAAELPIGVVTATLGAPVFIWLLLKAGR
;
A,B
2 'polypeptide(L)'
;(MSE)SIV(MSE)QLQDVAESTRLGPLSGEVRAGEILHLVGPNGAGKSTLLAR(MSE)AG(MSE)TSGKGSIQFAGQPLE
AWSATKLALHRAYLSQQQTPPFATPVWHYLTLHQHDKTRTELLNDVAGALALDDKLGRSTNQLSGGEWQRVRLAAVVLQI
TPQANPAGQLLLLDEP(MSE)NSLDVAQQSALDKILSALCQQGLAIV(MSE)SSHDLNHTLRHAHRAWLLKGGK(MSE)L
ASGRREEVLTPPNLAQAYG(MSE)NFRRLDIEGHR(MSE)LISTI
;
C,D
#
loop_
_chem_comp.id
_chem_comp.type
_chem_comp.name
_chem_comp.formula
V4O non-polymer CYCLO-TETRAMETAVANADATE 'O12 V4 -4'
#
# COMPACT_ATOMS: atom_id res chain seq x y z
N MSE A 1 -37.03 5.33 4.91
CA MSE A 1 -35.61 5.72 4.70
C MSE A 1 -34.93 6.08 6.02
O MSE A 1 -35.47 6.82 6.84
CB MSE A 1 -35.53 6.90 3.72
CG MSE A 1 -34.13 7.46 3.51
SE MSE A 1 -34.03 8.65 1.99
CE MSE A 1 -35.32 9.98 2.55
N LEU A 2 -33.72 5.55 6.21
CA LEU A 2 -32.96 5.80 7.44
C LEU A 2 -32.67 7.28 7.65
N THR A 3 -32.55 7.68 8.91
CA THR A 3 -32.29 9.07 9.26
C THR A 3 -31.02 9.64 8.64
N LEU A 4 -29.86 9.20 9.13
CA LEU A 4 -28.57 9.66 8.61
C LEU A 4 -28.57 9.74 7.10
N ALA A 5 -29.18 8.74 6.47
CA ALA A 5 -29.26 8.66 5.01
C ALA A 5 -29.93 9.91 4.43
N ARG A 6 -31.21 10.07 4.73
CA ARG A 6 -31.98 11.21 4.26
C ARG A 6 -31.23 12.51 4.49
N GLN A 7 -30.58 12.63 5.64
CA GLN A 7 -29.80 13.81 5.97
C GLN A 7 -28.64 13.97 5.00
N GLN A 8 -27.85 12.92 4.83
CA GLN A 8 -26.71 12.97 3.93
C GLN A 8 -27.19 13.36 2.53
N GLN A 9 -28.25 12.71 2.08
CA GLN A 9 -28.82 13.00 0.76
C GLN A 9 -29.14 14.49 0.63
N ARG A 10 -29.65 15.08 1.69
CA ARG A 10 -29.99 16.50 1.67
C ARG A 10 -28.73 17.32 1.39
N GLN A 11 -27.69 17.12 2.20
CA GLN A 11 -26.45 17.85 2.01
C GLN A 11 -25.86 17.55 0.63
N ASN A 12 -26.07 16.34 0.13
CA ASN A 12 -25.57 15.99 -1.18
C ASN A 12 -26.23 16.89 -2.22
N ILE A 13 -27.56 16.84 -2.24
CA ILE A 13 -28.33 17.65 -3.18
C ILE A 13 -27.86 19.10 -3.12
N ARG A 14 -27.52 19.57 -1.93
CA ARG A 14 -27.03 20.93 -1.78
C ARG A 14 -25.79 21.15 -2.63
N TRP A 15 -24.76 20.34 -2.41
CA TRP A 15 -23.52 20.48 -3.17
C TRP A 15 -23.75 20.36 -4.67
N LEU A 16 -24.44 19.32 -5.10
CA LEU A 16 -24.72 19.15 -6.52
C LEU A 16 -25.29 20.46 -7.04
N LEU A 17 -25.94 21.19 -6.14
CA LEU A 17 -26.52 22.48 -6.50
C LEU A 17 -25.38 23.48 -6.59
N CYS A 18 -24.65 23.65 -5.49
CA CYS A 18 -23.52 24.58 -5.44
C CYS A 18 -22.52 24.32 -6.56
N LEU A 19 -22.23 23.04 -6.81
CA LEU A 19 -21.29 22.68 -7.88
C LEU A 19 -21.92 23.04 -9.21
N SER A 20 -23.21 22.73 -9.36
CA SER A 20 -23.93 23.01 -10.58
C SER A 20 -23.80 24.50 -10.92
N VAL A 21 -23.86 25.34 -9.89
CA VAL A 21 -23.74 26.78 -10.06
C VAL A 21 -22.32 27.17 -10.43
N LEU A 22 -21.36 26.79 -9.58
CA LEU A 22 -19.96 27.10 -9.82
C LEU A 22 -19.53 26.85 -11.26
N MSE A 23 -20.04 25.78 -11.86
CA MSE A 23 -19.67 25.47 -13.23
C MSE A 23 -20.18 26.51 -14.22
O MSE A 23 -19.41 27.01 -15.05
CB MSE A 23 -20.20 24.10 -13.64
CG MSE A 23 -19.67 23.68 -15.00
SE MSE A 23 -20.53 22.14 -15.71
CE MSE A 23 -22.00 23.02 -16.63
N LEU A 24 -21.46 26.83 -14.15
CA LEU A 24 -22.02 27.84 -15.05
C LEU A 24 -21.20 29.11 -14.90
N LEU A 25 -21.00 29.52 -13.66
CA LEU A 25 -20.22 30.71 -13.38
C LEU A 25 -18.90 30.61 -14.14
N ALA A 26 -18.27 29.43 -14.05
CA ALA A 26 -17.01 29.19 -14.72
C ALA A 26 -17.20 29.21 -16.24
N LEU A 27 -18.29 28.61 -16.70
CA LEU A 27 -18.62 28.58 -18.12
C LEU A 27 -18.72 30.00 -18.61
N LEU A 28 -19.43 30.83 -17.86
CA LEU A 28 -19.60 32.24 -18.21
C LEU A 28 -18.24 32.91 -18.26
N LEU A 29 -17.55 32.94 -17.13
CA LEU A 29 -16.24 33.56 -17.03
C LEU A 29 -15.34 33.18 -18.21
N SER A 30 -15.28 31.90 -18.53
CA SER A 30 -14.43 31.46 -19.64
C SER A 30 -14.85 32.14 -20.92
N LEU A 31 -16.14 32.11 -21.22
CA LEU A 31 -16.66 32.74 -22.42
C LEU A 31 -16.40 34.25 -22.48
N CYS A 32 -15.84 34.81 -21.40
CA CYS A 32 -15.65 36.27 -21.29
C CYS A 32 -14.20 36.75 -21.19
N ALA A 33 -13.25 35.83 -21.09
CA ALA A 33 -11.85 36.25 -20.91
C ALA A 33 -10.87 35.67 -21.93
N GLY A 34 -9.93 36.48 -22.36
CA GLY A 34 -8.94 36.05 -23.30
C GLY A 34 -8.10 37.25 -23.76
N GLU A 35 -7.38 37.87 -22.86
CA GLU A 35 -6.52 38.99 -23.28
C GLU A 35 -7.23 40.26 -23.68
N GLN A 36 -8.50 40.19 -23.45
CA GLN A 36 -9.40 41.25 -23.72
C GLN A 36 -10.67 40.71 -23.13
N TRP A 37 -11.61 41.59 -22.94
CA TRP A 37 -12.84 41.17 -22.34
C TRP A 37 -14.03 41.34 -23.34
N ILE A 38 -15.05 40.51 -23.20
CA ILE A 38 -16.23 40.68 -24.04
C ILE A 38 -17.45 40.28 -23.23
N SER A 39 -17.94 41.22 -22.42
CA SER A 39 -19.11 40.99 -21.58
C SER A 39 -20.26 40.41 -22.39
N PRO A 40 -21.19 39.73 -21.72
CA PRO A 40 -22.33 39.11 -22.39
C PRO A 40 -23.00 40.04 -23.40
N GLY A 41 -23.08 41.32 -23.06
CA GLY A 41 -23.69 42.29 -23.96
C GLY A 41 -22.98 42.38 -25.29
N ASP A 42 -21.69 42.67 -25.26
CA ASP A 42 -20.88 42.80 -26.46
C ASP A 42 -20.55 41.43 -27.07
N TRP A 43 -21.50 40.50 -27.00
CA TRP A 43 -21.30 39.16 -27.54
C TRP A 43 -21.66 39.07 -29.02
N PHE A 44 -22.74 39.73 -29.43
CA PHE A 44 -23.18 39.69 -30.81
C PHE A 44 -22.48 40.74 -31.67
N THR A 45 -21.33 41.20 -31.19
CA THR A 45 -20.54 42.19 -31.89
C THR A 45 -19.61 41.43 -32.83
N PRO A 46 -19.25 42.02 -33.99
CA PRO A 46 -18.36 41.36 -34.95
C PRO A 46 -17.19 40.65 -34.30
N ARG A 47 -16.87 41.06 -33.07
CA ARG A 47 -15.79 40.46 -32.32
C ARG A 47 -16.30 39.20 -31.62
N GLY A 48 -17.36 39.35 -30.85
CA GLY A 48 -17.95 38.23 -30.13
C GLY A 48 -18.22 37.05 -31.04
N GLU A 49 -18.82 37.32 -32.19
CA GLU A 49 -19.13 36.26 -33.15
C GLU A 49 -17.87 35.50 -33.54
N LEU A 50 -16.74 36.17 -33.44
CA LEU A 50 -15.47 35.54 -33.79
C LEU A 50 -14.91 34.79 -32.59
N PHE A 51 -14.53 35.54 -31.57
CA PHE A 51 -13.97 34.95 -30.35
C PHE A 51 -15.02 34.08 -29.67
N VAL A 52 -15.90 34.73 -28.92
CA VAL A 52 -16.96 34.07 -28.18
C VAL A 52 -17.59 32.84 -28.84
N TRP A 53 -17.93 32.94 -30.12
CA TRP A 53 -18.56 31.82 -30.79
C TRP A 53 -17.64 30.91 -31.61
N GLN A 54 -16.83 31.49 -32.48
CA GLN A 54 -15.94 30.69 -33.33
C GLN A 54 -14.63 30.24 -32.71
N ILE A 55 -14.35 30.68 -31.49
CA ILE A 55 -13.09 30.31 -30.83
C ILE A 55 -13.25 29.90 -29.38
N ARG A 56 -13.78 30.81 -28.57
CA ARG A 56 -13.96 30.58 -27.14
C ARG A 56 -14.94 29.45 -26.82
N LEU A 57 -16.20 29.66 -27.17
CA LEU A 57 -17.25 28.67 -26.90
C LEU A 57 -16.79 27.24 -27.08
N PRO A 58 -16.33 26.88 -28.29
CA PRO A 58 -15.86 25.52 -28.58
C PRO A 58 -14.87 25.04 -27.54
N ARG A 59 -13.82 25.82 -27.38
CA ARG A 59 -12.74 25.53 -26.43
C ARG A 59 -13.32 25.27 -25.05
N THR A 60 -14.18 26.17 -24.59
CA THR A 60 -14.77 26.02 -23.28
C THR A 60 -15.53 24.69 -23.16
N LEU A 61 -16.39 24.40 -24.13
CA LEU A 61 -17.14 23.15 -24.09
C LEU A 61 -16.22 21.94 -24.04
N ALA A 62 -15.07 22.04 -24.70
CA ALA A 62 -14.12 20.94 -24.73
C ALA A 62 -13.62 20.74 -23.30
N VAL A 63 -13.18 21.82 -22.69
CA VAL A 63 -12.68 21.77 -21.32
C VAL A 63 -13.70 21.09 -20.41
N LEU A 64 -14.92 21.61 -20.38
CA LEU A 64 -15.97 21.05 -19.54
C LEU A 64 -16.03 19.54 -19.66
N LEU A 65 -16.18 19.05 -20.90
CA LEU A 65 -16.27 17.63 -21.15
C LEU A 65 -15.01 16.88 -20.70
N VAL A 66 -13.84 17.35 -21.10
CA VAL A 66 -12.61 16.68 -20.70
C VAL A 66 -12.51 16.64 -19.18
N GLY A 67 -12.83 17.76 -18.55
CA GLY A 67 -12.77 17.83 -17.10
C GLY A 67 -13.66 16.76 -16.49
N ALA A 68 -14.97 16.95 -16.64
CA ALA A 68 -15.94 16.00 -16.11
C ALA A 68 -15.52 14.57 -16.39
N ALA A 69 -14.93 14.34 -17.56
CA ALA A 69 -14.48 13.00 -17.94
C ALA A 69 -13.31 12.54 -17.09
N LEU A 70 -12.18 13.22 -17.21
CA LEU A 70 -11.00 12.90 -16.43
C LEU A 70 -11.36 12.71 -14.97
N ALA A 71 -12.25 13.56 -14.47
CA ALA A 71 -12.70 13.47 -13.09
C ALA A 71 -13.39 12.12 -12.87
N ILE A 72 -14.50 11.92 -13.58
CA ILE A 72 -15.25 10.68 -13.46
C ILE A 72 -14.35 9.46 -13.65
N SER A 73 -13.47 9.54 -14.65
CA SER A 73 -12.56 8.44 -14.91
C SER A 73 -11.84 8.08 -13.63
N GLY A 74 -11.31 9.10 -12.95
CA GLY A 74 -10.60 8.86 -11.71
C GLY A 74 -11.47 8.09 -10.73
N ALA A 75 -12.70 8.53 -10.56
CA ALA A 75 -13.62 7.85 -9.67
C ALA A 75 -13.70 6.39 -10.12
N VAL A 76 -14.09 6.20 -11.37
CA VAL A 76 -14.25 4.87 -11.97
C VAL A 76 -13.06 3.95 -11.82
N MSE A 77 -11.87 4.44 -12.13
CA MSE A 77 -10.70 3.59 -11.99
C MSE A 77 -10.54 3.23 -10.53
O MSE A 77 -10.38 2.05 -10.19
CB MSE A 77 -9.46 4.32 -12.49
CG MSE A 77 -8.96 3.82 -13.82
SE MSE A 77 -7.88 5.18 -14.63
CE MSE A 77 -9.31 6.36 -15.11
N GLN A 78 -10.60 4.23 -9.66
CA GLN A 78 -10.45 4.00 -8.22
C GLN A 78 -11.34 2.84 -7.78
N ALA A 79 -12.60 2.87 -8.19
CA ALA A 79 -13.52 1.82 -7.83
C ALA A 79 -12.98 0.48 -8.35
N LEU A 80 -12.76 0.40 -9.65
CA LEU A 80 -12.24 -0.82 -10.27
C LEU A 80 -11.07 -1.45 -9.53
N PHE A 81 -10.03 -0.66 -9.27
CA PHE A 81 -8.84 -1.18 -8.62
C PHE A 81 -8.90 -1.18 -7.10
N GLU A 82 -10.02 -0.74 -6.54
CA GLU A 82 -10.15 -0.68 -5.09
C GLU A 82 -8.94 0.07 -4.58
N ASN A 83 -8.71 1.26 -5.11
CA ASN A 83 -7.56 2.07 -4.71
C ASN A 83 -7.73 3.53 -5.09
N PRO A 84 -7.75 4.42 -4.08
CA PRO A 84 -7.92 5.87 -4.22
C PRO A 84 -6.89 6.55 -5.12
N LEU A 85 -5.70 5.95 -5.21
CA LEU A 85 -4.63 6.51 -6.01
C LEU A 85 -4.80 6.23 -7.49
N ALA A 86 -5.80 5.43 -7.83
CA ALA A 86 -6.06 5.09 -9.22
C ALA A 86 -6.52 6.32 -9.99
N GLU A 87 -5.84 6.62 -11.10
CA GLU A 87 -6.18 7.76 -11.92
C GLU A 87 -5.57 7.63 -13.33
N PRO A 88 -6.20 8.22 -14.36
CA PRO A 88 -5.72 8.18 -15.74
C PRO A 88 -4.25 8.53 -15.89
N GLY A 89 -3.90 9.73 -15.44
CA GLY A 89 -2.53 10.21 -15.54
C GLY A 89 -1.46 9.36 -14.89
N LEU A 90 -1.59 9.12 -13.59
CA LEU A 90 -0.59 8.34 -12.87
C LEU A 90 -0.37 6.95 -13.45
N LEU A 91 -1.45 6.20 -13.62
CA LEU A 91 -1.37 4.84 -14.15
C LEU A 91 -0.94 4.78 -15.61
N GLY A 92 -0.73 5.93 -16.22
CA GLY A 92 -0.27 5.97 -17.60
C GLY A 92 -1.30 5.60 -18.66
N VAL A 93 -2.58 5.65 -18.30
CA VAL A 93 -3.61 5.35 -19.27
C VAL A 93 -3.67 6.49 -20.28
N SER A 94 -3.24 7.68 -19.86
CA SER A 94 -3.23 8.82 -20.75
C SER A 94 -2.10 8.65 -21.75
N ASN A 95 -0.93 8.25 -21.26
CA ASN A 95 0.20 8.04 -22.16
C ASN A 95 -0.13 6.88 -23.09
N GLY A 96 -1.03 6.03 -22.64
CA GLY A 96 -1.44 4.90 -23.48
C GLY A 96 -2.16 5.46 -24.69
N ALA A 97 -3.11 6.36 -24.43
CA ALA A 97 -3.86 6.99 -25.50
C ALA A 97 -2.92 7.92 -26.24
N GLY A 98 -1.81 8.28 -25.58
CA GLY A 98 -0.85 9.15 -26.21
C GLY A 98 -0.20 8.37 -27.33
N VAL A 99 0.42 7.25 -26.96
CA VAL A 99 1.06 6.37 -27.93
C VAL A 99 0.10 5.98 -29.03
N GLY A 100 -1.11 5.59 -28.65
CA GLY A 100 -2.10 5.19 -29.64
C GLY A 100 -2.45 6.28 -30.64
N LEU A 101 -2.26 7.53 -30.24
CA LEU A 101 -2.57 8.65 -31.11
C LEU A 101 -1.43 8.89 -32.09
N ILE A 102 -0.24 9.17 -31.56
CA ILE A 102 0.94 9.41 -32.39
C ILE A 102 1.11 8.30 -33.41
N ALA A 103 0.92 7.06 -32.97
CA ALA A 103 1.05 5.91 -33.84
C ALA A 103 0.05 6.01 -34.99
N ALA A 104 -1.19 6.33 -34.68
CA ALA A 104 -2.22 6.46 -35.70
C ALA A 104 -1.82 7.55 -36.69
N VAL A 105 -1.29 8.65 -36.15
CA VAL A 105 -0.87 9.78 -36.97
C VAL A 105 0.27 9.43 -37.93
N LEU A 106 1.41 9.01 -37.39
CA LEU A 106 2.55 8.66 -38.22
C LEU A 106 2.24 7.52 -39.18
N LEU A 107 1.98 6.33 -38.64
CA LEU A 107 1.68 5.16 -39.47
C LEU A 107 0.38 5.38 -40.26
N GLY A 108 -0.18 6.57 -40.16
CA GLY A 108 -1.41 6.88 -40.87
C GLY A 108 -1.22 7.94 -41.94
N GLN A 109 -1.63 9.16 -41.64
CA GLN A 109 -1.50 10.26 -42.60
C GLN A 109 -2.14 11.53 -42.04
N GLY A 110 -1.61 12.69 -42.41
CA GLY A 110 -2.15 13.94 -41.94
C GLY A 110 -3.61 14.13 -42.28
N GLN A 111 -4.16 13.22 -43.08
CA GLN A 111 -5.55 13.29 -43.50
C GLN A 111 -6.49 12.53 -42.56
N LEU A 112 -5.92 11.84 -41.58
CA LEU A 112 -6.70 11.09 -40.61
C LEU A 112 -7.64 12.06 -39.90
N PRO A 113 -8.95 11.98 -40.17
CA PRO A 113 -9.86 12.91 -39.48
C PRO A 113 -9.78 12.64 -37.98
N ASN A 114 -10.11 13.65 -37.19
CA ASN A 114 -10.06 13.51 -35.74
C ASN A 114 -10.74 12.22 -35.27
N TRP A 115 -12.01 12.04 -35.62
CA TRP A 115 -12.75 10.84 -35.22
C TRP A 115 -11.91 9.59 -35.41
N ALA A 116 -11.14 9.55 -36.49
CA ALA A 116 -10.29 8.41 -36.77
C ALA A 116 -9.25 8.31 -35.67
N LEU A 117 -8.58 9.43 -35.39
CA LEU A 117 -7.56 9.46 -34.35
C LEU A 117 -8.12 9.11 -32.98
N GLY A 118 -9.19 9.81 -32.59
CA GLY A 118 -9.82 9.56 -31.30
C GLY A 118 -9.99 8.07 -31.04
N LEU A 119 -10.44 7.35 -32.06
CA LEU A 119 -10.63 5.91 -31.94
C LEU A 119 -9.31 5.23 -31.63
N CYS A 120 -8.23 5.75 -32.18
CA CYS A 120 -6.91 5.17 -31.95
C CYS A 120 -6.42 5.52 -30.56
N ALA A 121 -6.91 6.63 -30.02
CA ALA A 121 -6.53 7.04 -28.67
C ALA A 121 -7.22 6.07 -27.72
N ILE A 122 -8.53 5.97 -27.88
CA ILE A 122 -9.33 5.06 -27.08
C ILE A 122 -8.63 3.71 -27.02
N ALA A 123 -8.03 3.31 -28.13
CA ALA A 123 -7.33 2.03 -28.20
C ALA A 123 -6.13 2.08 -27.27
N GLY A 124 -5.34 3.15 -27.41
CA GLY A 124 -4.17 3.31 -26.57
C GLY A 124 -4.50 3.16 -25.10
N ALA A 125 -5.55 3.86 -24.67
CA ALA A 125 -5.98 3.80 -23.28
C ALA A 125 -6.42 2.38 -22.94
N LEU A 126 -7.33 1.83 -23.73
CA LEU A 126 -7.82 0.48 -23.47
C LEU A 126 -6.71 -0.53 -23.21
N ILE A 127 -5.69 -0.52 -24.07
CA ILE A 127 -4.58 -1.45 -23.91
C ILE A 127 -4.07 -1.36 -22.48
N ILE A 128 -3.49 -0.21 -22.14
CA ILE A 128 -2.97 0.02 -20.80
C ILE A 128 -3.97 -0.38 -19.72
N THR A 129 -5.17 0.20 -19.77
CA THR A 129 -6.20 -0.10 -18.80
C THR A 129 -6.42 -1.61 -18.67
N LEU A 130 -6.36 -2.32 -19.80
CA LEU A 130 -6.55 -3.77 -19.78
C LEU A 130 -5.37 -4.46 -19.09
N ILE A 131 -4.17 -4.04 -19.47
CA ILE A 131 -2.95 -4.60 -18.90
C ILE A 131 -2.91 -4.32 -17.39
N LEU A 132 -3.25 -3.10 -17.00
CA LEU A 132 -3.26 -2.77 -15.58
C LEU A 132 -4.20 -3.68 -14.83
N LEU A 133 -5.40 -3.86 -15.37
CA LEU A 133 -6.38 -4.71 -14.71
C LEU A 133 -5.88 -6.15 -14.63
N ARG A 134 -5.16 -6.60 -15.65
CA ARG A 134 -4.63 -7.96 -15.63
C ARG A 134 -3.72 -8.04 -14.40
N PHE A 135 -2.82 -7.08 -14.28
CA PHE A 135 -1.90 -7.02 -13.15
C PHE A 135 -2.69 -6.80 -11.85
N ALA A 136 -3.89 -6.26 -12.00
CA ALA A 136 -4.74 -5.99 -10.84
C ALA A 136 -5.42 -7.24 -10.31
N ARG A 137 -5.64 -8.22 -11.18
CA ARG A 137 -6.30 -9.46 -10.80
C ARG A 137 -5.31 -10.47 -10.21
N ARG A 138 -4.23 -10.73 -10.93
CA ARG A 138 -3.23 -11.69 -10.49
C ARG A 138 -2.51 -11.29 -9.20
N HIS A 139 -2.48 -10.00 -8.90
CA HIS A 139 -1.82 -9.53 -7.68
C HIS A 139 -2.43 -8.22 -7.19
N LEU A 140 -3.61 -8.33 -6.59
CA LEU A 140 -4.31 -7.16 -6.07
C LEU A 140 -3.49 -6.46 -4.99
N SER A 141 -2.95 -5.28 -5.33
CA SER A 141 -2.15 -4.50 -4.39
C SER A 141 -2.17 -3.03 -4.79
N THR A 142 -2.24 -2.15 -3.80
CA THR A 142 -2.26 -0.72 -4.06
C THR A 142 -0.92 -0.23 -4.56
N SER A 143 0.15 -0.84 -4.09
CA SER A 143 1.50 -0.48 -4.51
C SER A 143 1.78 -1.00 -5.91
N ARG A 144 1.48 -2.28 -6.13
CA ARG A 144 1.68 -2.91 -7.42
C ARG A 144 1.08 -2.04 -8.52
N LEU A 145 -0.24 -1.95 -8.54
CA LEU A 145 -0.94 -1.15 -9.53
C LEU A 145 -0.35 0.24 -9.65
N LEU A 146 -0.08 0.89 -8.52
CA LEU A 146 0.49 2.24 -8.59
C LEU A 146 1.88 2.20 -9.19
N LEU A 147 2.59 1.10 -8.99
CA LEU A 147 3.92 0.93 -9.53
C LEU A 147 3.81 0.72 -11.03
N ALA A 148 3.18 -0.39 -11.41
CA ALA A 148 2.99 -0.72 -12.81
C ALA A 148 2.55 0.52 -13.58
N GLY A 149 1.38 1.06 -13.22
CA GLY A 149 0.87 2.24 -13.88
C GLY A 149 1.95 3.25 -14.18
N VAL A 150 2.62 3.74 -13.14
CA VAL A 150 3.68 4.72 -13.31
C VAL A 150 4.65 4.23 -14.36
N ALA A 151 5.07 2.97 -14.22
CA ALA A 151 6.02 2.37 -15.14
C ALA A 151 5.53 2.42 -16.58
N LEU A 152 4.34 1.88 -16.83
CA LEU A 152 3.77 1.87 -18.17
C LEU A 152 3.70 3.30 -18.66
N GLY A 153 3.52 4.24 -17.73
CA GLY A 153 3.46 5.63 -18.12
C GLY A 153 4.79 6.00 -18.74
N ILE A 154 5.88 5.70 -18.02
CA ILE A 154 7.23 5.98 -18.49
C ILE A 154 7.50 5.32 -19.84
N ILE A 155 7.24 4.02 -19.90
CA ILE A 155 7.43 3.25 -21.12
C ILE A 155 6.74 3.92 -22.30
N CYS A 156 5.53 4.42 -22.07
CA CYS A 156 4.79 5.09 -23.13
C CYS A 156 5.42 6.42 -23.52
N SER A 157 6.13 7.05 -22.58
CA SER A 157 6.79 8.32 -22.87
C SER A 157 7.95 8.05 -23.82
N ALA A 158 8.67 6.96 -23.56
CA ALA A 158 9.80 6.56 -24.38
C ALA A 158 9.32 6.40 -25.81
N LEU A 159 8.48 5.40 -26.03
CA LEU A 159 7.94 5.13 -27.36
C LEU A 159 7.54 6.41 -28.10
N MSE A 160 6.98 7.36 -27.36
CA MSE A 160 6.56 8.62 -27.96
C MSE A 160 7.76 9.47 -28.37
O MSE A 160 7.87 9.86 -29.53
CB MSE A 160 5.66 9.40 -26.99
CG MSE A 160 4.27 8.81 -26.82
SE MSE A 160 3.09 9.84 -25.69
CE MSE A 160 2.36 11.05 -27.01
N THR A 161 8.66 9.74 -27.43
CA THR A 161 9.84 10.53 -27.71
C THR A 161 10.70 9.89 -28.81
N TRP A 162 10.86 8.58 -28.73
CA TRP A 162 11.67 7.82 -29.69
C TRP A 162 11.09 7.72 -31.09
N ALA A 163 9.79 7.96 -31.23
CA ALA A 163 9.16 7.88 -32.54
C ALA A 163 9.08 9.25 -33.21
N ILE A 164 8.99 10.30 -32.40
CA ILE A 164 8.92 11.66 -32.91
C ILE A 164 10.28 12.12 -33.43
N TYR A 165 11.35 11.76 -32.70
CA TYR A 165 12.70 12.12 -33.10
C TYR A 165 13.04 11.46 -34.43
N PHE A 166 12.72 10.17 -34.54
CA PHE A 166 12.99 9.41 -35.74
C PHE A 166 12.41 10.06 -36.99
N SER A 167 11.13 10.43 -36.93
CA SER A 167 10.45 11.06 -38.06
C SER A 167 10.93 12.49 -38.33
N THR A 168 11.32 13.19 -37.26
CA THR A 168 11.82 14.55 -37.34
C THR A 168 10.71 15.58 -37.62
N SER A 169 9.52 15.07 -37.91
CA SER A 169 8.36 15.94 -38.18
C SER A 169 7.93 16.55 -36.85
N VAL A 170 8.89 16.60 -35.93
CA VAL A 170 8.69 17.13 -34.58
C VAL A 170 8.77 18.65 -34.48
N ASP A 171 8.18 19.17 -33.40
CA ASP A 171 8.16 20.58 -33.08
C ASP A 171 8.21 20.62 -31.55
N LEU A 172 9.38 20.96 -31.01
CA LEU A 172 9.58 21.00 -29.55
C LEU A 172 8.35 21.48 -28.78
N ARG A 173 7.53 22.30 -29.43
CA ARG A 173 6.32 22.84 -28.82
C ARG A 173 5.20 21.80 -28.82
N GLN A 174 4.73 21.43 -30.01
CA GLN A 174 3.65 20.45 -30.14
C GLN A 174 3.83 19.31 -29.14
N LEU A 175 5.06 18.83 -29.02
CA LEU A 175 5.39 17.74 -28.09
C LEU A 175 5.10 18.11 -26.65
N MSE A 176 5.70 19.21 -26.19
CA MSE A 176 5.52 19.64 -24.81
C MSE A 176 4.05 19.91 -24.49
O MSE A 176 3.55 19.49 -23.45
CB MSE A 176 6.35 20.88 -24.52
CG MSE A 176 5.95 22.13 -25.32
SE MSE A 176 5.18 23.50 -24.21
CE MSE A 176 6.77 24.51 -23.81
N TYR A 177 3.35 20.61 -25.38
CA TYR A 177 1.94 20.92 -25.17
C TYR A 177 1.10 19.65 -25.02
N TRP A 178 1.44 18.60 -25.77
CA TRP A 178 0.67 17.36 -25.69
C TRP A 178 1.03 16.60 -24.42
N MSE A 179 2.32 16.47 -24.16
CA MSE A 179 2.81 15.77 -22.98
C MSE A 179 2.30 16.45 -21.72
O MSE A 179 2.01 15.79 -20.73
CB MSE A 179 4.34 15.76 -22.99
CG MSE A 179 4.95 15.20 -24.27
SE MSE A 179 6.14 13.72 -23.95
CE MSE A 179 4.83 12.31 -23.86
N MSE A 180 2.17 17.77 -21.78
CA MSE A 180 1.71 18.53 -20.63
C MSE A 180 0.31 19.10 -20.80
O MSE A 180 -0.10 20.01 -20.08
CB MSE A 180 2.70 19.64 -20.30
CG MSE A 180 4.10 19.11 -20.02
SE MSE A 180 5.35 20.49 -19.57
CE MSE A 180 5.70 20.02 -17.73
N GLY A 181 -0.43 18.56 -21.78
CA GLY A 181 -1.80 18.99 -22.04
C GLY A 181 -2.06 20.45 -22.33
N GLY A 182 -3.12 20.71 -23.10
CA GLY A 182 -3.48 22.08 -23.45
C GLY A 182 -4.62 22.15 -24.45
N PHE A 183 -5.52 23.13 -24.28
CA PHE A 183 -6.65 23.31 -25.19
C PHE A 183 -6.38 24.47 -26.15
N GLY A 184 -5.14 24.60 -26.60
CA GLY A 184 -4.77 25.67 -27.51
C GLY A 184 -5.37 25.64 -28.90
N GLY A 185 -5.36 24.47 -29.54
CA GLY A 185 -5.92 24.37 -30.87
C GLY A 185 -7.26 23.68 -30.99
N VAL A 186 -8.17 24.00 -30.07
CA VAL A 186 -9.49 23.39 -30.10
C VAL A 186 -10.50 24.25 -30.85
N ASP A 187 -11.01 23.70 -31.96
CA ASP A 187 -11.97 24.39 -32.83
C ASP A 187 -13.20 23.51 -32.99
N TRP A 188 -14.24 24.02 -33.64
CA TRP A 188 -15.46 23.26 -33.88
C TRP A 188 -15.17 22.04 -34.74
N ARG A 189 -14.04 22.07 -35.45
CA ARG A 189 -13.67 20.97 -36.32
C ARG A 189 -13.20 19.77 -35.53
N GLN A 190 -13.66 19.69 -34.29
CA GLN A 190 -13.33 18.61 -33.39
C GLN A 190 -14.56 18.41 -32.53
N SER A 191 -15.68 18.93 -33.03
CA SER A 191 -16.95 18.83 -32.33
C SER A 191 -17.48 17.41 -32.39
N TRP A 192 -16.91 16.59 -33.26
CA TRP A 192 -17.35 15.21 -33.34
C TRP A 192 -16.81 14.48 -32.12
N LEU A 193 -15.62 14.89 -31.67
CA LEU A 193 -15.01 14.28 -30.49
C LEU A 193 -15.85 14.66 -29.28
N MSE A 194 -16.05 15.96 -29.11
CA MSE A 194 -16.83 16.46 -27.99
C MSE A 194 -18.11 15.65 -27.83
O MSE A 194 -18.36 15.08 -26.77
CB MSE A 194 -17.15 17.93 -28.18
CG MSE A 194 -15.92 18.82 -28.17
SE MSE A 194 -16.40 20.64 -28.49
CE MSE A 194 -14.65 21.41 -28.76
N LEU A 195 -18.91 15.57 -28.89
CA LEU A 195 -20.15 14.81 -28.82
C LEU A 195 -19.84 13.42 -28.26
N ALA A 196 -18.92 12.73 -28.94
CA ALA A 196 -18.51 11.38 -28.55
C ALA A 196 -18.40 11.17 -27.03
N LEU A 197 -18.10 12.24 -26.32
CA LEU A 197 -17.96 12.17 -24.87
C LEU A 197 -19.30 12.13 -24.15
N ILE A 198 -20.26 12.89 -24.65
CA ILE A 198 -21.59 12.97 -24.05
C ILE A 198 -22.27 11.65 -23.76
N PRO A 199 -22.32 10.74 -24.76
CA PRO A 199 -22.98 9.47 -24.49
C PRO A 199 -22.48 8.85 -23.20
N VAL A 200 -21.26 8.32 -23.25
CA VAL A 200 -20.66 7.66 -22.10
C VAL A 200 -20.80 8.45 -20.79
N LEU A 201 -20.43 9.74 -20.80
CA LEU A 201 -20.54 10.58 -19.61
C LEU A 201 -21.88 10.40 -18.94
N LEU A 202 -22.96 10.50 -19.72
CA LEU A 202 -24.30 10.35 -19.16
C LEU A 202 -24.52 8.94 -18.66
N TRP A 203 -24.38 7.96 -19.55
CA TRP A 203 -24.56 6.56 -19.18
C TRP A 203 -23.84 6.20 -17.90
N ILE A 204 -22.53 6.39 -17.89
CA ILE A 204 -21.72 6.06 -16.73
C ILE A 204 -22.17 6.79 -15.48
N CYS A 205 -22.58 8.04 -15.61
CA CYS A 205 -23.03 8.79 -14.45
C CYS A 205 -24.25 8.18 -13.80
N CYS A 206 -24.92 7.28 -14.50
CA CYS A 206 -26.12 6.64 -13.95
C CYS A 206 -25.85 5.25 -13.38
N GLN A 207 -24.69 4.70 -13.74
CA GLN A 207 -24.30 3.38 -13.27
C GLN A 207 -23.73 3.39 -11.85
N SER A 208 -24.42 4.01 -10.91
CA SER A 208 -23.92 4.08 -9.54
C SER A 208 -24.04 2.75 -8.78
N ARG A 209 -25.17 2.07 -8.95
CA ARG A 209 -25.38 0.80 -8.29
C ARG A 209 -24.16 -0.11 -8.37
N PRO A 210 -23.71 -0.43 -9.59
CA PRO A 210 -22.56 -1.31 -9.81
C PRO A 210 -21.30 -0.90 -9.05
N MSE A 211 -21.13 0.39 -8.81
CA MSE A 211 -19.94 0.85 -8.14
C MSE A 211 -20.02 0.89 -6.63
O MSE A 211 -19.01 0.68 -5.96
CB MSE A 211 -19.52 2.19 -8.72
CG MSE A 211 -19.32 2.09 -10.20
SE MSE A 211 -18.49 3.62 -10.94
CE MSE A 211 -16.68 2.97 -11.00
N ASN A 212 -21.19 1.15 -6.07
CA ASN A 212 -21.28 1.15 -4.61
C ASN A 212 -20.95 -0.29 -4.21
N MSE A 213 -21.47 -1.23 -4.98
CA MSE A 213 -21.25 -2.66 -4.76
C MSE A 213 -19.76 -2.87 -4.88
O MSE A 213 -19.06 -3.18 -3.92
CB MSE A 213 -21.92 -3.45 -5.87
CG MSE A 213 -23.37 -3.12 -6.08
SE MSE A 213 -24.45 -4.37 -5.14
CE MSE A 213 -24.03 -3.81 -3.35
N LEU A 214 -19.29 -2.69 -6.10
CA LEU A 214 -17.90 -2.83 -6.47
C LEU A 214 -17.00 -2.28 -5.38
N ALA A 215 -17.36 -1.12 -4.84
CA ALA A 215 -16.59 -0.45 -3.80
C ALA A 215 -16.46 -1.29 -2.52
N LEU A 216 -17.47 -2.12 -2.26
CA LEU A 216 -17.44 -2.98 -1.08
C LEU A 216 -16.22 -3.88 -1.15
N GLY A 217 -15.94 -4.41 -2.34
CA GLY A 217 -14.79 -5.27 -2.50
C GLY A 217 -15.14 -6.57 -3.19
N GLU A 218 -14.34 -6.95 -4.18
CA GLU A 218 -14.54 -8.18 -4.96
C GLU A 218 -15.49 -9.20 -4.34
N ILE A 219 -15.00 -9.99 -3.38
CA ILE A 219 -15.83 -11.01 -2.75
C ILE A 219 -17.20 -10.48 -2.34
N SER A 220 -17.23 -9.48 -1.45
CA SER A 220 -18.50 -8.93 -1.02
C SER A 220 -19.36 -8.59 -2.22
N ALA A 221 -18.74 -7.90 -3.18
CA ALA A 221 -19.41 -7.51 -4.41
C ALA A 221 -19.99 -8.74 -5.07
N ARG A 222 -19.17 -9.76 -5.22
CA ARG A 222 -19.60 -10.99 -5.85
C ARG A 222 -20.68 -11.68 -5.04
N GLN A 223 -20.31 -12.19 -3.87
CA GLN A 223 -21.27 -12.89 -3.01
C GLN A 223 -22.61 -12.16 -2.90
N LEU A 224 -22.63 -10.87 -3.24
CA LEU A 224 -23.86 -10.10 -3.20
C LEU A 224 -24.63 -10.22 -4.49
N GLY A 225 -24.11 -11.04 -5.41
CA GLY A 225 -24.77 -11.26 -6.69
C GLY A 225 -24.37 -10.34 -7.84
N LEU A 226 -23.32 -9.55 -7.66
CA LEU A 226 -22.88 -8.63 -8.72
C LEU A 226 -22.15 -9.31 -9.89
N PRO A 227 -22.55 -8.99 -11.13
CA PRO A 227 -21.90 -9.58 -12.31
C PRO A 227 -20.53 -8.94 -12.48
N LEU A 228 -19.63 -9.18 -11.53
CA LEU A 228 -18.30 -8.59 -11.54
C LEU A 228 -17.61 -8.46 -12.89
N TRP A 229 -17.13 -9.57 -13.45
CA TRP A 229 -16.45 -9.54 -14.73
C TRP A 229 -17.08 -8.58 -15.72
N PHE A 230 -18.40 -8.63 -15.88
CA PHE A 230 -19.07 -7.72 -16.78
C PHE A 230 -18.66 -6.29 -16.46
N TRP A 231 -19.20 -5.79 -15.36
CA TRP A 231 -18.93 -4.43 -14.90
C TRP A 231 -17.47 -4.03 -14.87
N ARG A 232 -16.58 -4.96 -14.55
CA ARG A 232 -15.18 -4.61 -14.54
C ARG A 232 -14.78 -4.23 -15.95
N ASN A 233 -14.94 -5.15 -16.90
CA ASN A 233 -14.60 -4.89 -18.28
C ASN A 233 -15.38 -3.70 -18.83
N VAL A 234 -16.68 -3.69 -18.56
CA VAL A 234 -17.51 -2.59 -19.01
C VAL A 234 -16.91 -1.24 -18.64
N LEU A 235 -16.59 -1.07 -17.36
CA LEU A 235 -16.00 0.18 -16.87
C LEU A 235 -14.61 0.41 -17.45
N VAL A 236 -13.89 -0.67 -17.74
CA VAL A 236 -12.56 -0.58 -18.32
C VAL A 236 -12.70 0.10 -19.67
N ALA A 237 -13.73 -0.33 -20.40
CA ALA A 237 -14.01 0.22 -21.71
C ALA A 237 -14.40 1.67 -21.53
N ALA A 238 -15.42 1.92 -20.71
CA ALA A 238 -15.89 3.27 -20.46
C ALA A 238 -14.71 4.19 -20.20
N THR A 239 -13.80 3.73 -19.36
CA THR A 239 -12.61 4.50 -19.03
C THR A 239 -11.85 4.79 -20.31
N GLY A 240 -11.34 3.74 -20.94
CA GLY A 240 -10.58 3.90 -22.17
C GLY A 240 -11.22 4.91 -23.10
N TRP A 241 -12.53 4.77 -23.28
CA TRP A 241 -13.29 5.66 -24.14
C TRP A 241 -13.01 7.10 -23.72
N MSE A 242 -13.56 7.49 -22.58
CA MSE A 242 -13.40 8.84 -22.05
C MSE A 242 -11.95 9.33 -22.08
O MSE A 242 -11.65 10.33 -22.72
CB MSE A 242 -13.90 8.91 -20.61
CG MSE A 242 -15.29 8.40 -20.41
SE MSE A 242 -15.86 8.59 -18.59
CE MSE A 242 -16.60 10.34 -18.79
N VAL A 243 -11.07 8.63 -21.38
CA VAL A 243 -9.66 9.04 -21.34
C VAL A 243 -9.09 9.24 -22.74
N GLY A 244 -9.20 8.20 -23.57
CA GLY A 244 -8.68 8.27 -24.93
C GLY A 244 -9.10 9.54 -25.65
N VAL A 245 -10.41 9.77 -25.70
CA VAL A 245 -10.93 10.96 -26.35
C VAL A 245 -10.31 12.19 -25.69
N SER A 246 -10.33 12.23 -24.37
CA SER A 246 -9.78 13.36 -23.65
C SER A 246 -8.36 13.70 -24.09
N VAL A 247 -7.51 12.68 -24.24
CA VAL A 247 -6.14 12.88 -24.66
C VAL A 247 -6.12 13.42 -26.08
N ALA A 248 -6.94 12.84 -26.94
CA ALA A 248 -7.00 13.27 -28.33
C ALA A 248 -7.41 14.73 -28.39
N LEU A 249 -8.42 15.07 -27.59
CA LEU A 249 -8.92 16.43 -27.57
C LEU A 249 -7.92 17.44 -26.99
N ALA A 250 -7.31 17.13 -25.85
CA ALA A 250 -6.37 18.08 -25.23
C ALA A 250 -5.04 17.52 -24.72
N GLY A 251 -4.72 16.28 -25.09
CA GLY A 251 -3.48 15.70 -24.64
C GLY A 251 -3.52 15.18 -23.23
N ALA A 252 -2.33 14.92 -22.68
CA ALA A 252 -2.21 14.37 -21.32
C ALA A 252 -2.33 15.40 -20.20
N ILE A 253 -3.56 15.61 -19.76
CA ILE A 253 -3.87 16.45 -18.63
C ILE A 253 -3.79 15.52 -17.37
N GLY A 254 -3.35 15.99 -16.20
CA GLY A 254 -3.26 15.05 -15.08
C GLY A 254 -3.59 15.71 -13.78
N PHE A 255 -3.90 14.94 -12.79
CA PHE A 255 -4.23 15.53 -11.47
C PHE A 255 -5.61 16.21 -11.33
N ILE A 256 -6.58 15.70 -12.04
CA ILE A 256 -7.95 16.12 -11.73
C ILE A 256 -8.70 14.82 -11.45
N GLY A 257 -8.16 13.71 -11.95
CA GLY A 257 -8.82 12.43 -11.72
C GLY A 257 -8.53 11.87 -10.35
N LEU A 258 -7.50 12.39 -9.69
CA LEU A 258 -7.14 11.93 -8.37
C LEU A 258 -7.74 12.83 -7.31
N VAL A 259 -7.46 14.12 -7.45
CA VAL A 259 -7.95 15.11 -6.49
C VAL A 259 -9.46 15.31 -6.44
N ILE A 260 -10.03 15.80 -7.52
CA ILE A 260 -11.47 16.04 -7.57
C ILE A 260 -12.31 14.97 -6.90
N PRO A 261 -12.13 13.70 -7.31
CA PRO A 261 -12.90 12.60 -6.72
C PRO A 261 -12.88 12.64 -5.20
N HIS A 262 -11.67 12.65 -4.66
CA HIS A 262 -11.48 12.65 -3.20
C HIS A 262 -12.05 13.87 -2.49
N ILE A 263 -11.72 15.06 -2.98
CA ILE A 263 -12.23 16.28 -2.37
C ILE A 263 -13.74 16.17 -2.15
N LEU A 264 -14.45 15.66 -3.15
CA LEU A 264 -15.90 15.50 -3.04
C LEU A 264 -16.27 14.46 -1.99
N ARG A 265 -15.42 13.46 -1.81
CA ARG A 265 -15.71 12.45 -0.81
C ARG A 265 -15.59 13.16 0.54
N LEU A 266 -14.62 14.06 0.62
CA LEU A 266 -14.39 14.83 1.83
C LEU A 266 -15.63 15.59 2.20
N CYS A 267 -16.22 16.27 1.22
CA CYS A 267 -17.44 17.04 1.44
C CYS A 267 -18.61 16.16 1.86
N GLY A 268 -18.45 14.85 1.73
CA GLY A 268 -19.53 13.96 2.11
C GLY A 268 -20.11 13.15 0.96
N LEU A 269 -19.84 13.57 -0.27
CA LEU A 269 -20.34 12.84 -1.42
C LEU A 269 -19.55 11.54 -1.51
N THR A 270 -20.21 10.44 -1.14
CA THR A 270 -19.59 9.12 -1.16
C THR A 270 -20.42 8.14 -1.97
N ASP A 271 -21.73 8.17 -1.77
CA ASP A 271 -22.62 7.31 -2.52
C ASP A 271 -22.47 7.73 -3.97
N HIS A 272 -22.03 6.82 -4.82
CA HIS A 272 -21.82 7.12 -6.22
C HIS A 272 -22.99 7.82 -6.90
N ARG A 273 -24.21 7.56 -6.46
CA ARG A 273 -25.38 8.20 -7.07
C ARG A 273 -25.20 9.71 -7.02
N VAL A 274 -24.21 10.15 -6.25
CA VAL A 274 -23.91 11.57 -6.13
C VAL A 274 -22.49 11.88 -6.58
N LEU A 275 -21.54 11.05 -6.13
CA LEU A 275 -20.14 11.26 -6.47
C LEU A 275 -19.85 11.35 -7.97
N LEU A 276 -20.53 10.54 -8.77
CA LEU A 276 -20.31 10.59 -10.20
C LEU A 276 -20.76 11.95 -10.73
N PRO A 277 -22.05 12.28 -10.54
CA PRO A 277 -22.56 13.57 -11.02
C PRO A 277 -21.70 14.70 -10.46
N GLY A 278 -21.46 14.65 -9.16
CA GLY A 278 -20.63 15.65 -8.52
C GLY A 278 -19.28 15.75 -9.20
N CYS A 279 -18.65 14.61 -9.44
CA CYS A 279 -17.36 14.59 -10.10
C CYS A 279 -17.39 15.33 -11.42
N ALA A 280 -18.40 15.06 -12.24
CA ALA A 280 -18.52 15.72 -13.54
C ALA A 280 -18.49 17.24 -13.36
N LEU A 281 -19.41 17.75 -12.54
CA LEU A 281 -19.49 19.18 -12.29
C LEU A 281 -18.18 19.73 -11.74
N ALA A 282 -17.69 19.15 -10.64
CA ALA A 282 -16.45 19.61 -10.04
C ALA A 282 -15.27 19.44 -11.00
N GLY A 283 -15.34 18.39 -11.81
CA GLY A 283 -14.27 18.14 -12.76
C GLY A 283 -14.27 19.15 -13.89
N ALA A 284 -15.46 19.58 -14.29
CA ALA A 284 -15.58 20.55 -15.37
C ALA A 284 -15.03 21.87 -14.88
N SER A 285 -15.73 22.45 -13.91
CA SER A 285 -15.32 23.73 -13.34
C SER A 285 -13.84 23.73 -13.05
N ALA A 286 -13.39 22.76 -12.26
CA ALA A 286 -11.98 22.66 -11.93
C ALA A 286 -11.05 22.89 -13.12
N LEU A 287 -11.26 22.15 -14.20
CA LEU A 287 -10.41 22.28 -15.36
C LEU A 287 -10.63 23.59 -16.10
N LEU A 288 -11.85 24.13 -16.05
CA LEU A 288 -12.13 25.39 -16.73
C LEU A 288 -11.18 26.43 -16.15
N LEU A 289 -11.28 26.63 -14.85
CA LEU A 289 -10.43 27.58 -14.14
C LEU A 289 -8.98 27.39 -14.57
N ALA A 290 -8.47 26.19 -14.38
CA ALA A 290 -7.10 25.88 -14.76
C ALA A 290 -6.82 26.42 -16.15
N ASP A 291 -7.70 26.09 -17.09
CA ASP A 291 -7.54 26.52 -18.47
C ASP A 291 -7.48 28.03 -18.60
N ILE A 292 -8.50 28.71 -18.07
CA ILE A 292 -8.53 30.17 -18.11
C ILE A 292 -7.17 30.69 -17.65
N VAL A 293 -6.74 30.25 -16.47
CA VAL A 293 -5.45 30.67 -15.95
C VAL A 293 -4.36 30.27 -16.93
N ALA A 294 -4.48 29.09 -17.49
CA ALA A 294 -3.50 28.58 -18.45
C ALA A 294 -3.21 29.54 -19.60
N ARG A 295 -4.23 30.24 -20.06
CA ARG A 295 -4.07 31.16 -21.18
C ARG A 295 -3.81 32.61 -20.78
N LEU A 296 -4.57 33.11 -19.80
CA LEU A 296 -4.43 34.49 -19.34
C LEU A 296 -3.18 34.72 -18.49
N ALA A 297 -2.68 33.67 -17.87
CA ALA A 297 -1.49 33.77 -17.03
C ALA A 297 -0.44 34.66 -17.67
N LEU A 298 0.15 34.19 -18.76
CA LEU A 298 1.17 34.96 -19.46
C LEU A 298 0.74 35.29 -20.88
N ALA A 299 1.14 36.47 -21.35
CA ALA A 299 0.79 36.92 -22.70
C ALA A 299 1.67 36.31 -23.80
N ALA A 300 2.89 35.95 -23.44
CA ALA A 300 3.83 35.36 -24.40
C ALA A 300 3.23 34.14 -25.07
N ALA A 301 2.77 33.18 -24.27
CA ALA A 301 2.17 31.96 -24.78
C ALA A 301 1.12 31.42 -23.82
N GLU A 302 0.51 30.30 -24.19
CA GLU A 302 -0.52 29.69 -23.38
C GLU A 302 0.07 28.53 -22.57
N LEU A 303 0.15 28.73 -21.25
CA LEU A 303 0.70 27.73 -20.35
C LEU A 303 0.02 26.38 -20.50
N PRO A 304 0.81 25.30 -20.54
CA PRO A 304 0.27 23.94 -20.68
C PRO A 304 -0.70 23.62 -19.53
N ILE A 305 -1.95 23.33 -19.88
CA ILE A 305 -2.95 22.99 -18.88
C ILE A 305 -2.33 22.13 -17.79
N GLY A 306 -1.61 21.09 -18.20
CA GLY A 306 -0.97 20.20 -17.25
C GLY A 306 -0.18 20.92 -16.18
N VAL A 307 0.73 21.80 -16.58
CA VAL A 307 1.53 22.54 -15.63
C VAL A 307 0.63 23.12 -14.55
N VAL A 308 -0.44 23.79 -14.95
CA VAL A 308 -1.37 24.37 -14.01
C VAL A 308 -1.99 23.27 -13.13
N THR A 309 -2.71 22.35 -13.76
CA THR A 309 -3.36 21.25 -13.06
C THR A 309 -2.45 20.54 -12.06
N ALA A 310 -1.21 20.29 -12.46
CA ALA A 310 -0.25 19.62 -11.59
C ALA A 310 0.30 20.57 -10.54
N THR A 311 0.38 21.85 -10.87
CA THR A 311 0.89 22.86 -9.95
C THR A 311 -0.06 23.03 -8.77
N LEU A 312 -1.36 23.07 -9.07
CA LEU A 312 -2.37 23.22 -8.03
C LEU A 312 -2.73 21.84 -7.49
N GLY A 313 -2.55 20.82 -8.33
CA GLY A 313 -2.86 19.46 -7.94
C GLY A 313 -2.03 18.90 -6.80
N ALA A 314 -0.71 18.92 -6.95
CA ALA A 314 0.17 18.39 -5.91
C ALA A 314 -0.18 18.98 -4.54
N PRO A 315 -0.23 20.32 -4.43
CA PRO A 315 -0.56 20.96 -3.16
C PRO A 315 -1.86 20.42 -2.55
N VAL A 316 -2.97 20.58 -3.26
CA VAL A 316 -4.26 20.10 -2.76
C VAL A 316 -4.23 18.61 -2.46
N PHE A 317 -3.27 17.90 -3.03
CA PHE A 317 -3.18 16.46 -2.79
C PHE A 317 -2.46 16.18 -1.47
N ILE A 318 -1.40 16.91 -1.21
CA ILE A 318 -0.65 16.75 0.03
C ILE A 318 -1.62 16.94 1.18
N TRP A 319 -2.32 18.08 1.16
CA TRP A 319 -3.28 18.41 2.20
C TRP A 319 -4.28 17.27 2.37
N LEU A 320 -4.91 16.86 1.28
CA LEU A 320 -5.89 15.78 1.34
C LEU A 320 -5.32 14.56 2.05
N LEU A 321 -4.00 14.38 1.95
CA LEU A 321 -3.34 13.25 2.60
C LEU A 321 -3.38 13.37 4.12
N LEU A 322 -3.07 14.56 4.63
CA LEU A 322 -3.07 14.80 6.07
C LEU A 322 -4.48 14.80 6.66
N LYS A 323 -5.43 15.34 5.88
CA LYS A 323 -6.83 15.42 6.30
C LYS A 323 -7.52 14.07 6.41
N ALA A 324 -7.45 13.27 5.36
CA ALA A 324 -8.08 11.96 5.34
C ALA A 324 -7.56 11.08 6.48
N MSE B 1 28.19 -21.30 13.32
CA MSE B 1 27.29 -20.56 12.39
C MSE B 1 26.26 -21.47 11.70
O MSE B 1 26.59 -22.57 11.25
CB MSE B 1 28.12 -19.82 11.34
CG MSE B 1 27.30 -19.21 10.23
SE MSE B 1 28.36 -18.09 9.07
CE MSE B 1 29.59 -19.43 8.40
N LEU B 2 25.04 -20.99 11.60
CA LEU B 2 23.96 -21.75 10.99
C LEU B 2 24.26 -22.14 9.55
N THR B 3 23.87 -23.36 9.19
CA THR B 3 24.08 -23.90 7.86
C THR B 3 23.58 -22.96 6.76
N LEU B 4 22.25 -22.84 6.65
CA LEU B 4 21.64 -21.97 5.64
C LEU B 4 22.37 -20.64 5.55
N ALA B 5 22.87 -20.18 6.70
CA ALA B 5 23.59 -18.92 6.79
C ALA B 5 24.91 -18.96 6.04
N ARG B 6 25.76 -19.91 6.43
CA ARG B 6 27.07 -20.06 5.80
C ARG B 6 26.94 -20.16 4.30
N GLN B 7 26.00 -20.98 3.83
CA GLN B 7 25.78 -21.14 2.41
C GLN B 7 25.42 -19.81 1.75
N GLN B 8 24.38 -19.16 2.25
CA GLN B 8 23.95 -17.89 1.70
C GLN B 8 25.16 -16.96 1.57
N GLN B 9 25.92 -16.84 2.66
CA GLN B 9 27.10 -15.99 2.67
C GLN B 9 28.03 -16.34 1.51
N ARG B 10 28.16 -17.63 1.24
CA ARG B 10 29.01 -18.08 0.15
C ARG B 10 28.50 -17.48 -1.16
N GLN B 11 27.28 -17.85 -1.56
CA GLN B 11 26.70 -17.34 -2.79
C GLN B 11 26.78 -15.81 -2.83
N ASN B 12 26.70 -15.18 -1.66
CA ASN B 12 26.77 -13.72 -1.62
C ASN B 12 28.15 -13.28 -2.05
N ILE B 13 29.18 -13.91 -1.48
CA ILE B 13 30.55 -13.57 -1.83
C ILE B 13 30.73 -13.81 -3.33
N ARG B 14 30.07 -14.84 -3.84
CA ARG B 14 30.14 -15.15 -5.26
C ARG B 14 29.70 -13.92 -6.05
N TRP B 15 28.52 -13.39 -5.75
CA TRP B 15 28.02 -12.22 -6.45
C TRP B 15 28.92 -11.01 -6.26
N LEU B 16 29.28 -10.71 -5.01
CA LEU B 16 30.14 -9.57 -4.76
C LEU B 16 31.40 -9.69 -5.62
N LEU B 17 31.71 -10.91 -6.04
CA LEU B 17 32.88 -11.14 -6.88
C LEU B 17 32.50 -10.76 -8.30
N CYS B 18 31.54 -11.50 -8.88
CA CYS B 18 31.08 -11.24 -10.24
C CYS B 18 30.79 -9.76 -10.45
N LEU B 19 30.04 -9.17 -9.51
CA LEU B 19 29.72 -7.76 -9.61
C LEU B 19 31.00 -6.93 -9.59
N SER B 20 31.90 -7.26 -8.66
CA SER B 20 33.15 -6.54 -8.55
C SER B 20 33.84 -6.53 -9.91
N VAL B 21 33.69 -7.62 -10.65
CA VAL B 21 34.29 -7.75 -11.98
C VAL B 21 33.55 -6.86 -12.98
N LEU B 22 32.28 -7.17 -13.21
CA LEU B 22 31.46 -6.42 -14.15
C LEU B 22 31.69 -4.91 -14.10
N MSE B 23 31.92 -4.37 -12.90
CA MSE B 23 32.15 -2.94 -12.79
C MSE B 23 33.42 -2.56 -13.53
O MSE B 23 33.40 -1.67 -14.39
CB MSE B 23 32.26 -2.49 -11.34
CG MSE B 23 32.37 -0.99 -11.23
SE MSE B 23 32.79 -0.35 -9.48
CE MSE B 23 34.72 -0.39 -9.63
N LEU B 24 34.52 -3.20 -13.19
CA LEU B 24 35.79 -2.92 -13.86
C LEU B 24 35.57 -3.11 -15.35
N LEU B 25 35.01 -4.26 -15.72
CA LEU B 25 34.73 -4.57 -17.11
C LEU B 25 33.95 -3.42 -17.75
N ALA B 26 33.27 -2.64 -16.91
CA ALA B 26 32.49 -1.51 -17.40
C ALA B 26 33.34 -0.24 -17.35
N LEU B 27 34.18 -0.15 -16.32
CA LEU B 27 35.06 1.00 -16.18
C LEU B 27 35.95 1.05 -17.40
N LEU B 28 36.43 -0.12 -17.82
CA LEU B 28 37.28 -0.22 -19.01
C LEU B 28 36.49 0.27 -20.21
N LEU B 29 35.40 -0.43 -20.52
CA LEU B 29 34.54 -0.09 -21.65
C LEU B 29 34.15 1.37 -21.72
N SER B 30 33.96 2.01 -20.58
CA SER B 30 33.57 3.42 -20.56
C SER B 30 34.70 4.30 -21.09
N LEU B 31 35.92 3.97 -20.67
CA LEU B 31 37.09 4.73 -21.08
C LEU B 31 37.48 4.51 -22.54
N CYS B 32 36.89 3.50 -23.19
CA CYS B 32 37.31 3.22 -24.56
C CYS B 32 36.35 3.80 -25.60
N ALA B 33 35.07 3.79 -25.30
CA ALA B 33 34.08 4.36 -26.23
C ALA B 33 33.60 5.74 -25.72
N GLY B 34 33.57 6.74 -26.60
CA GLY B 34 33.05 8.08 -26.28
C GLY B 34 32.25 8.54 -27.50
N GLU B 35 32.98 8.81 -28.56
CA GLU B 35 32.45 9.13 -29.87
C GLU B 35 33.13 8.14 -30.80
N GLN B 36 34.46 8.16 -30.73
CA GLN B 36 35.34 7.25 -31.46
C GLN B 36 35.86 6.27 -30.43
N TRP B 37 36.09 5.09 -30.87
CA TRP B 37 36.59 4.10 -30.00
C TRP B 37 38.05 4.32 -29.68
N ILE B 38 38.57 3.53 -28.77
CA ILE B 38 39.97 3.59 -28.36
C ILE B 38 40.34 2.22 -27.83
N SER B 39 41.62 2.04 -27.46
CA SER B 39 42.08 0.77 -26.93
C SER B 39 43.04 1.04 -25.78
N PRO B 40 43.02 0.18 -24.74
CA PRO B 40 43.91 0.36 -23.59
C PRO B 40 45.33 0.72 -24.01
N GLY B 41 45.78 0.13 -25.11
CA GLY B 41 47.12 0.39 -25.61
C GLY B 41 47.18 1.71 -26.35
N ASP B 42 46.22 1.94 -27.24
CA ASP B 42 46.17 3.18 -28.01
C ASP B 42 45.81 4.35 -27.08
N TRP B 43 45.92 4.10 -25.78
CA TRP B 43 45.64 5.09 -24.75
C TRP B 43 46.86 5.97 -24.51
N PHE B 44 47.99 5.33 -24.26
CA PHE B 44 49.25 6.01 -23.99
C PHE B 44 49.83 6.70 -25.22
N THR B 45 48.96 7.38 -25.96
CA THR B 45 49.32 8.11 -27.17
C THR B 45 48.82 9.54 -26.94
N PRO B 46 49.50 10.56 -27.52
CA PRO B 46 49.09 11.95 -27.35
C PRO B 46 47.58 12.19 -27.22
N ARG B 47 46.78 11.38 -27.92
CA ARG B 47 45.33 11.50 -27.87
C ARG B 47 44.80 11.10 -26.50
N GLY B 48 45.21 9.92 -26.04
CA GLY B 48 44.77 9.43 -24.74
C GLY B 48 44.88 10.47 -23.64
N GLU B 49 46.03 11.12 -23.55
CA GLU B 49 46.25 12.14 -22.53
C GLU B 49 45.11 13.15 -22.55
N LEU B 50 44.60 13.42 -23.74
CA LEU B 50 43.50 14.36 -23.90
C LEU B 50 42.22 13.70 -23.41
N PHE B 51 41.59 12.91 -24.28
CA PHE B 51 40.37 12.20 -23.97
C PHE B 51 40.53 11.43 -22.66
N VAL B 52 40.90 10.16 -22.81
CA VAL B 52 41.11 9.22 -21.72
C VAL B 52 41.48 9.77 -20.35
N TRP B 53 42.27 10.84 -20.28
CA TRP B 53 42.65 11.34 -18.97
C TRP B 53 41.95 12.61 -18.50
N GLN B 54 41.83 13.59 -19.39
CA GLN B 54 41.21 14.87 -19.04
C GLN B 54 39.71 14.96 -19.29
N ILE B 55 39.18 13.98 -20.03
CA ILE B 55 37.75 13.96 -20.35
C ILE B 55 37.07 12.72 -19.80
N ARG B 56 37.35 11.60 -20.43
CA ARG B 56 36.76 10.32 -20.06
C ARG B 56 36.89 9.93 -18.59
N LEU B 57 38.11 9.64 -18.15
CA LEU B 57 38.33 9.23 -16.77
C LEU B 57 37.47 9.98 -15.76
N PRO B 58 37.54 11.32 -15.75
CA PRO B 58 36.74 12.13 -14.82
C PRO B 58 35.28 11.69 -14.83
N ARG B 59 34.71 11.72 -16.04
CA ARG B 59 33.34 11.34 -16.26
C ARG B 59 33.08 9.93 -15.76
N THR B 60 33.84 8.96 -16.25
CA THR B 60 33.64 7.58 -15.82
C THR B 60 33.72 7.45 -14.30
N LEU B 61 34.51 8.29 -13.64
CA LEU B 61 34.61 8.22 -12.19
C LEU B 61 33.36 8.77 -11.52
N ALA B 62 32.82 9.85 -12.08
CA ALA B 62 31.62 10.46 -11.53
C ALA B 62 30.46 9.48 -11.66
N VAL B 63 30.36 8.84 -12.82
CA VAL B 63 29.30 7.87 -13.03
C VAL B 63 29.35 6.83 -11.92
N LEU B 64 30.49 6.17 -11.78
CA LEU B 64 30.64 5.16 -10.73
C LEU B 64 30.05 5.66 -9.43
N LEU B 65 30.68 6.69 -8.88
CA LEU B 65 30.24 7.26 -7.63
C LEU B 65 28.76 7.59 -7.60
N VAL B 66 28.28 8.39 -8.55
CA VAL B 66 26.85 8.73 -8.57
C VAL B 66 26.01 7.47 -8.63
N GLY B 67 26.43 6.54 -9.48
CA GLY B 67 25.70 5.29 -9.61
C GLY B 67 25.65 4.52 -8.29
N ALA B 68 26.83 4.24 -7.74
CA ALA B 68 26.93 3.52 -6.48
C ALA B 68 26.17 4.24 -5.38
N ALA B 69 26.04 5.55 -5.52
CA ALA B 69 25.32 6.34 -4.53
C ALA B 69 23.83 6.09 -4.69
N LEU B 70 23.25 6.63 -5.76
CA LEU B 70 21.82 6.48 -6.03
C LEU B 70 21.35 5.08 -5.72
N ALA B 71 22.18 4.09 -6.04
CA ALA B 71 21.82 2.70 -5.76
C ALA B 71 21.67 2.55 -4.24
N ILE B 72 22.74 2.85 -3.52
CA ILE B 72 22.72 2.75 -2.07
C ILE B 72 21.62 3.60 -1.46
N SER B 73 21.49 4.84 -1.95
CA SER B 73 20.47 5.73 -1.44
C SER B 73 19.15 4.99 -1.36
N GLY B 74 18.66 4.54 -2.51
CA GLY B 74 17.40 3.81 -2.55
C GLY B 74 17.37 2.72 -1.50
N ALA B 75 18.46 1.96 -1.39
CA ALA B 75 18.51 0.93 -0.39
C ALA B 75 18.14 1.57 0.93
N VAL B 76 18.95 2.54 1.33
CA VAL B 76 18.76 3.27 2.59
C VAL B 76 17.37 3.82 2.79
N MSE B 77 16.84 4.51 1.79
CA MSE B 77 15.49 5.05 1.94
C MSE B 77 14.51 3.92 2.22
O MSE B 77 13.70 4.00 3.14
CB MSE B 77 15.10 5.82 0.68
CG MSE B 77 15.21 7.33 0.82
SE MSE B 77 15.36 8.21 -0.89
CE MSE B 77 17.26 7.98 -1.08
N GLN B 78 14.61 2.84 1.44
CA GLN B 78 13.71 1.71 1.63
C GLN B 78 13.76 1.21 3.06
N ALA B 79 14.95 1.21 3.64
CA ALA B 79 15.11 0.77 5.02
C ALA B 79 14.37 1.72 5.94
N LEU B 80 14.69 3.01 5.83
CA LEU B 80 14.06 4.02 6.65
C LEU B 80 12.54 4.03 6.60
N PHE B 81 11.98 4.19 5.41
CA PHE B 81 10.53 4.24 5.26
C PHE B 81 9.85 2.89 5.32
N GLU B 82 10.61 1.85 5.68
CA GLU B 82 10.04 0.51 5.75
C GLU B 82 9.20 0.30 4.50
N ASN B 83 9.75 0.63 3.34
CA ASN B 83 9.03 0.48 2.08
C ASN B 83 9.94 0.40 0.86
N PRO B 84 9.78 -0.67 0.04
CA PRO B 84 10.51 -0.99 -1.19
C PRO B 84 10.46 0.05 -2.30
N LEU B 85 9.36 0.80 -2.33
CA LEU B 85 9.17 1.82 -3.34
C LEU B 85 9.87 3.12 -2.98
N ALA B 86 10.57 3.09 -1.85
CA ALA B 86 11.30 4.28 -1.41
C ALA B 86 12.54 4.44 -2.29
N GLU B 87 12.64 5.60 -2.94
CA GLU B 87 13.79 5.89 -3.80
C GLU B 87 13.91 7.39 -4.06
N PRO B 88 15.15 7.90 -4.25
CA PRO B 88 15.40 9.32 -4.52
C PRO B 88 14.49 9.94 -5.58
N GLY B 89 14.59 9.42 -6.79
CA GLY B 89 13.81 9.92 -7.91
C GLY B 89 12.31 10.04 -7.72
N LEU B 90 11.68 8.99 -7.21
CA LEU B 90 10.23 9.03 -7.03
C LEU B 90 9.78 9.95 -5.91
N LEU B 91 10.30 9.74 -4.70
CA LEU B 91 9.92 10.56 -3.56
C LEU B 91 10.31 12.03 -3.69
N GLY B 92 11.00 12.37 -4.78
CA GLY B 92 11.38 13.74 -5.02
C GLY B 92 12.55 14.35 -4.25
N VAL B 93 13.38 13.52 -3.64
CA VAL B 93 14.52 14.04 -2.91
C VAL B 93 15.53 14.61 -3.92
N SER B 94 15.46 14.13 -5.16
CA SER B 94 16.37 14.59 -6.20
C SER B 94 15.99 16.02 -6.58
N ASN B 95 14.70 16.24 -6.83
CA ASN B 95 14.23 17.57 -7.18
C ASN B 95 14.45 18.47 -5.99
N GLY B 96 14.53 17.86 -4.80
CA GLY B 96 14.78 18.65 -3.62
C GLY B 96 16.11 19.33 -3.82
N ALA B 97 17.11 18.55 -4.19
CA ALA B 97 18.43 19.08 -4.43
C ALA B 97 18.37 20.00 -5.65
N GLY B 98 17.48 19.68 -6.58
CA GLY B 98 17.33 20.52 -7.76
C GLY B 98 17.09 21.94 -7.30
N VAL B 99 15.95 22.14 -6.63
CA VAL B 99 15.58 23.44 -6.10
C VAL B 99 16.78 24.09 -5.46
N GLY B 100 17.31 23.47 -4.41
CA GLY B 100 18.46 24.01 -3.72
C GLY B 100 19.64 24.34 -4.62
N LEU B 101 19.85 23.56 -5.67
CA LEU B 101 20.95 23.80 -6.58
C LEU B 101 20.71 25.07 -7.37
N ILE B 102 19.56 25.15 -8.02
CA ILE B 102 19.22 26.33 -8.81
C ILE B 102 19.26 27.58 -7.93
N ALA B 103 18.70 27.48 -6.74
CA ALA B 103 18.68 28.60 -5.80
C ALA B 103 20.05 29.28 -5.79
N ALA B 104 21.11 28.46 -5.74
CA ALA B 104 22.47 28.98 -5.73
C ALA B 104 22.84 29.60 -7.07
N VAL B 105 22.73 28.81 -8.14
CA VAL B 105 23.06 29.29 -9.47
C VAL B 105 22.41 30.63 -9.82
N LEU B 106 21.27 30.93 -9.18
CA LEU B 106 20.58 32.20 -9.46
C LEU B 106 21.00 33.33 -8.53
N LEU B 107 21.23 33.02 -7.26
CA LEU B 107 21.63 34.04 -6.30
C LEU B 107 23.09 34.45 -6.47
N GLY B 108 23.88 33.59 -7.12
CA GLY B 108 25.28 33.89 -7.34
C GLY B 108 25.84 33.14 -8.53
N GLN B 109 25.35 33.50 -9.73
CA GLN B 109 25.79 32.85 -10.97
C GLN B 109 27.28 32.94 -11.21
N GLY B 110 27.90 31.78 -11.46
CA GLY B 110 29.33 31.72 -11.72
C GLY B 110 30.24 32.11 -10.58
N GLN B 111 29.71 32.77 -9.56
CA GLN B 111 30.51 33.18 -8.41
C GLN B 111 30.71 32.04 -7.43
N LEU B 112 29.66 31.25 -7.24
CA LEU B 112 29.70 30.13 -6.31
C LEU B 112 30.36 28.90 -6.95
N PRO B 113 31.41 28.36 -6.30
CA PRO B 113 32.12 27.19 -6.82
C PRO B 113 31.27 25.92 -6.74
N ASN B 114 31.66 24.91 -7.53
CA ASN B 114 30.94 23.64 -7.53
C ASN B 114 30.69 23.15 -6.11
N TRP B 115 31.76 23.07 -5.32
CA TRP B 115 31.65 22.59 -3.96
C TRP B 115 30.66 23.44 -3.16
N ALA B 116 30.62 24.73 -3.48
CA ALA B 116 29.71 25.63 -2.80
C ALA B 116 28.30 25.22 -3.21
N LEU B 117 28.17 24.74 -4.44
CA LEU B 117 26.90 24.29 -4.97
C LEU B 117 26.47 22.99 -4.29
N GLY B 118 27.40 22.03 -4.27
CA GLY B 118 27.12 20.74 -3.66
C GLY B 118 26.41 20.87 -2.33
N LEU B 119 26.87 21.80 -1.49
CA LEU B 119 26.25 21.99 -0.19
C LEU B 119 24.81 22.45 -0.34
N CYS B 120 24.55 23.32 -1.30
CA CYS B 120 23.20 23.83 -1.54
C CYS B 120 22.26 22.73 -2.00
N ALA B 121 22.81 21.73 -2.68
CA ALA B 121 22.00 20.62 -3.14
C ALA B 121 21.74 19.72 -1.95
N ILE B 122 22.81 19.36 -1.24
CA ILE B 122 22.71 18.52 -0.07
C ILE B 122 21.64 19.06 0.86
N ALA B 123 21.42 20.36 0.81
CA ALA B 123 20.41 20.98 1.64
C ALA B 123 19.06 20.66 1.03
N GLY B 124 18.96 20.86 -0.29
CA GLY B 124 17.73 20.58 -1.01
C GLY B 124 17.21 19.19 -0.74
N ALA B 125 18.12 18.23 -0.69
CA ALA B 125 17.77 16.84 -0.42
C ALA B 125 17.30 16.71 1.02
N LEU B 126 18.18 17.03 1.97
CA LEU B 126 17.86 16.94 3.39
C LEU B 126 16.46 17.41 3.71
N ILE B 127 16.10 18.61 3.24
CA ILE B 127 14.78 19.16 3.50
C ILE B 127 13.73 18.12 3.16
N ILE B 128 13.61 17.83 1.86
CA ILE B 128 12.64 16.85 1.37
C ILE B 128 12.68 15.55 2.16
N THR B 129 13.85 14.94 2.24
CA THR B 129 14.00 13.69 2.97
C THR B 129 13.43 13.84 4.37
N LEU B 130 13.53 15.05 4.93
CA LEU B 130 13.00 15.31 6.26
C LEU B 130 11.49 15.42 6.23
N ILE B 131 11.00 16.31 5.37
CA ILE B 131 9.56 16.52 5.23
C ILE B 131 8.91 15.16 4.98
N LEU B 132 9.55 14.35 4.15
CA LEU B 132 9.03 13.01 3.84
C LEU B 132 8.99 12.16 5.11
N LEU B 133 10.10 12.12 5.82
CA LEU B 133 10.16 11.31 7.03
C LEU B 133 9.13 11.77 8.06
N ARG B 134 8.91 13.08 8.16
CA ARG B 134 7.93 13.59 9.12
C ARG B 134 6.58 12.96 8.78
N PHE B 135 6.21 13.00 7.49
CA PHE B 135 4.95 12.43 7.04
C PHE B 135 4.96 10.91 7.25
N ALA B 136 6.16 10.35 7.33
CA ALA B 136 6.31 8.92 7.52
C ALA B 136 6.01 8.49 8.96
N ARG B 137 6.38 9.33 9.92
CA ARG B 137 6.15 9.01 11.33
C ARG B 137 4.69 9.22 11.73
N ARG B 138 4.14 10.37 11.37
CA ARG B 138 2.76 10.68 11.72
C ARG B 138 1.71 9.79 11.07
N HIS B 139 2.01 9.21 9.92
CA HIS B 139 1.05 8.34 9.24
C HIS B 139 1.76 7.29 8.38
N LEU B 140 2.44 6.37 9.05
CA LEU B 140 3.18 5.31 8.39
C LEU B 140 2.30 4.56 7.40
N SER B 141 2.58 4.74 6.11
CA SER B 141 1.83 4.07 5.04
C SER B 141 2.65 4.06 3.77
N THR B 142 2.61 2.96 3.04
CA THR B 142 3.37 2.85 1.80
C THR B 142 2.76 3.75 0.74
N SER B 143 1.44 3.91 0.80
CA SER B 143 0.74 4.75 -0.15
C SER B 143 1.02 6.21 0.15
N ARG B 144 0.80 6.61 1.40
CA ARG B 144 1.04 7.98 1.84
C ARG B 144 2.40 8.45 1.36
N LEU B 145 3.44 7.83 1.89
CA LEU B 145 4.81 8.18 1.54
C LEU B 145 5.00 8.23 0.04
N LEU B 146 4.55 7.19 -0.66
CA LEU B 146 4.70 7.18 -2.12
C LEU B 146 3.89 8.27 -2.81
N LEU B 147 2.91 8.81 -2.10
CA LEU B 147 2.08 9.89 -2.64
C LEU B 147 2.81 11.20 -2.42
N ALA B 148 2.96 11.56 -1.15
CA ALA B 148 3.65 12.77 -0.76
C ALA B 148 4.87 12.98 -1.65
N GLY B 149 5.71 11.96 -1.72
CA GLY B 149 6.92 12.04 -2.51
C GLY B 149 6.65 12.53 -3.92
N VAL B 150 5.77 11.84 -4.63
CA VAL B 150 5.45 12.23 -5.99
C VAL B 150 5.06 13.70 -6.00
N ALA B 151 4.16 14.05 -5.10
CA ALA B 151 3.67 15.42 -4.98
C ALA B 151 4.82 16.41 -4.82
N LEU B 152 5.57 16.27 -3.73
CA LEU B 152 6.69 17.17 -3.48
C LEU B 152 7.54 17.28 -4.73
N GLY B 153 7.74 16.15 -5.41
CA GLY B 153 8.52 16.16 -6.63
C GLY B 153 7.98 17.21 -7.57
N ILE B 154 6.68 17.16 -7.83
CA ILE B 154 6.00 18.10 -8.70
C ILE B 154 6.22 19.54 -8.23
N ILE B 155 5.91 19.78 -6.96
CA ILE B 155 6.08 21.09 -6.37
C ILE B 155 7.47 21.63 -6.69
N CYS B 156 8.49 20.82 -6.40
CA CYS B 156 9.86 21.22 -6.67
C CYS B 156 10.11 21.48 -8.15
N SER B 157 9.49 20.70 -9.03
CA SER B 157 9.66 20.90 -10.45
C SER B 157 9.07 22.25 -10.84
N ALA B 158 7.97 22.61 -10.21
CA ALA B 158 7.32 23.88 -10.47
C ALA B 158 8.26 25.00 -10.05
N LEU B 159 8.66 24.99 -8.78
CA LEU B 159 9.57 26.01 -8.26
C LEU B 159 10.77 26.21 -9.17
N MSE B 160 11.26 25.12 -9.75
CA MSE B 160 12.42 25.18 -10.64
C MSE B 160 12.05 25.84 -11.97
O MSE B 160 12.63 26.87 -12.32
CB MSE B 160 12.95 23.77 -10.90
CG MSE B 160 13.60 23.13 -9.69
SE MSE B 160 14.21 21.34 -10.06
CE MSE B 160 15.89 21.75 -10.92
N THR B 161 11.09 25.28 -12.69
CA THR B 161 10.66 25.81 -13.97
C THR B 161 10.27 27.29 -13.89
N TRP B 162 9.49 27.63 -12.87
CA TRP B 162 9.03 29.00 -12.68
C TRP B 162 10.16 30.00 -12.40
N ALA B 163 11.19 29.55 -11.70
CA ALA B 163 12.31 30.42 -11.38
C ALA B 163 13.26 30.62 -12.55
N ILE B 164 13.26 29.67 -13.50
CA ILE B 164 14.12 29.75 -14.66
C ILE B 164 13.54 30.71 -15.71
N TYR B 165 12.25 30.56 -15.98
CA TYR B 165 11.57 31.42 -16.95
C TYR B 165 11.67 32.88 -16.55
N PHE B 166 11.45 33.15 -15.27
CA PHE B 166 11.48 34.51 -14.74
C PHE B 166 12.82 35.21 -15.03
N SER B 167 13.92 34.53 -14.72
CA SER B 167 15.26 35.08 -14.93
C SER B 167 15.65 35.09 -16.41
N THR B 168 15.00 34.24 -17.20
CA THR B 168 15.37 34.22 -18.60
C THR B 168 16.82 33.83 -18.77
N SER B 169 17.57 33.46 -17.76
CA SER B 169 18.88 33.05 -18.18
C SER B 169 18.77 31.55 -18.43
N VAL B 170 17.69 31.18 -19.10
CA VAL B 170 17.36 29.79 -19.43
C VAL B 170 17.88 29.33 -20.78
N ASP B 171 18.14 28.03 -20.86
CA ASP B 171 18.60 27.37 -22.07
C ASP B 171 17.81 26.06 -22.09
N LEU B 172 16.80 25.99 -22.95
CA LEU B 172 15.95 24.81 -23.06
C LEU B 172 16.73 23.51 -22.87
N ARG B 173 18.00 23.52 -23.26
CA ARG B 173 18.86 22.35 -23.15
C ARG B 173 19.30 22.14 -21.71
N GLN B 174 20.02 23.12 -21.14
CA GLN B 174 20.48 23.02 -19.76
C GLN B 174 19.37 22.53 -18.83
N LEU B 175 18.18 23.11 -18.99
CA LEU B 175 17.02 22.75 -18.18
C LEU B 175 16.67 21.28 -18.32
N MSE B 176 16.55 20.82 -19.57
CA MSE B 176 16.20 19.43 -19.84
C MSE B 176 17.28 18.44 -19.42
O MSE B 176 16.98 17.40 -18.84
CB MSE B 176 15.87 19.25 -21.33
CG MSE B 176 17.06 19.42 -22.27
SE MSE B 176 17.66 17.74 -23.04
CE MSE B 176 16.69 17.79 -24.71
N TYR B 177 18.54 18.76 -19.70
CA TYR B 177 19.63 17.86 -19.31
C TYR B 177 19.69 17.70 -17.80
N TRP B 178 19.22 18.71 -17.07
CA TRP B 178 19.23 18.65 -15.60
C TRP B 178 18.04 17.84 -15.09
N MSE B 179 16.85 18.18 -15.57
CA MSE B 179 15.64 17.49 -15.15
C MSE B 179 15.71 16.03 -15.59
O MSE B 179 15.12 15.16 -14.94
CB MSE B 179 14.41 18.16 -15.78
CG MSE B 179 14.33 19.66 -15.52
SE MSE B 179 12.58 20.22 -14.92
CE MSE B 179 12.83 19.90 -13.02
N MSE B 180 16.41 15.77 -16.68
CA MSE B 180 16.53 14.41 -17.18
C MSE B 180 17.93 13.83 -17.02
O MSE B 180 18.30 12.90 -17.73
CB MSE B 180 16.09 14.36 -18.64
CG MSE B 180 14.67 14.87 -18.85
SE MSE B 180 14.06 14.82 -20.67
CE MSE B 180 12.72 13.45 -20.49
N GLY B 181 18.69 14.38 -16.08
CA GLY B 181 20.04 13.91 -15.80
C GLY B 181 21.04 13.76 -16.94
N GLY B 182 22.32 13.99 -16.64
CA GLY B 182 23.35 13.87 -17.65
C GLY B 182 24.77 14.13 -17.15
N PHE B 183 25.74 13.37 -17.66
CA PHE B 183 27.13 13.52 -17.28
C PHE B 183 27.95 14.27 -18.33
N GLY B 184 27.24 14.94 -19.24
CA GLY B 184 27.91 15.67 -20.30
C GLY B 184 29.04 16.59 -19.90
N GLY B 185 28.79 17.47 -18.93
CA GLY B 185 29.81 18.42 -18.52
C GLY B 185 30.58 18.10 -17.25
N VAL B 186 31.07 16.87 -17.13
CA VAL B 186 31.83 16.48 -15.95
C VAL B 186 33.34 16.59 -16.21
N ASP B 187 33.97 17.52 -15.50
CA ASP B 187 35.41 17.77 -15.66
C ASP B 187 36.10 17.60 -14.31
N TRP B 188 37.43 17.50 -14.34
CA TRP B 188 38.22 17.35 -13.11
C TRP B 188 37.97 18.52 -12.17
N ARG B 189 37.32 19.57 -12.66
CA ARG B 189 37.05 20.74 -11.86
C ARG B 189 35.85 20.56 -10.94
N GLN B 190 35.38 19.31 -10.87
CA GLN B 190 34.25 18.94 -10.04
C GLN B 190 34.71 17.80 -9.16
N SER B 191 35.99 17.49 -9.26
CA SER B 191 36.59 16.41 -8.50
C SER B 191 36.39 16.58 -7.01
N TRP B 192 36.16 17.81 -6.57
CA TRP B 192 35.92 18.03 -5.15
C TRP B 192 34.60 17.39 -4.75
N LEU B 193 33.64 17.42 -5.67
CA LEU B 193 32.33 16.82 -5.40
C LEU B 193 32.51 15.31 -5.41
N MSE B 194 33.20 14.82 -6.44
CA MSE B 194 33.46 13.40 -6.56
C MSE B 194 34.03 12.86 -5.26
O MSE B 194 33.51 11.90 -4.70
CB MSE B 194 34.43 13.13 -7.70
CG MSE B 194 33.95 13.61 -9.04
SE MSE B 194 35.06 12.91 -10.43
CE MSE B 194 34.26 13.78 -11.95
N LEU B 195 35.10 13.47 -4.78
CA LEU B 195 35.72 13.03 -3.53
C LEU B 195 34.70 13.04 -2.40
N ALA B 196 33.98 14.14 -2.28
CA ALA B 196 32.97 14.33 -1.24
C ALA B 196 31.95 13.19 -1.15
N LEU B 197 31.93 12.33 -2.17
CA LEU B 197 31.01 11.21 -2.21
C LEU B 197 31.60 9.98 -1.55
N ILE B 198 32.92 9.83 -1.65
CA ILE B 198 33.62 8.67 -1.10
C ILE B 198 33.47 8.47 0.40
N PRO B 199 33.70 9.51 1.21
CA PRO B 199 33.55 9.33 2.65
C PRO B 199 32.26 8.62 3.01
N VAL B 200 31.14 9.31 2.84
CA VAL B 200 29.83 8.72 3.15
C VAL B 200 29.68 7.36 2.50
N LEU B 201 29.86 7.29 1.18
CA LEU B 201 29.74 6.03 0.46
C LEU B 201 30.40 4.88 1.21
N LEU B 202 31.62 5.10 1.67
CA LEU B 202 32.35 4.06 2.40
C LEU B 202 31.77 3.82 3.78
N TRP B 203 31.40 4.90 4.47
CA TRP B 203 30.84 4.80 5.80
C TRP B 203 29.54 4.02 5.81
N ILE B 204 28.52 4.63 5.22
CA ILE B 204 27.19 4.04 5.17
C ILE B 204 27.23 2.61 4.66
N CYS B 205 28.19 2.30 3.81
CA CYS B 205 28.31 0.96 3.28
C CYS B 205 28.75 -0.03 4.34
N CYS B 206 29.06 0.46 5.54
CA CYS B 206 29.52 -0.42 6.64
C CYS B 206 28.55 -0.50 7.80
N GLN B 207 27.54 0.35 7.78
CA GLN B 207 26.54 0.37 8.84
C GLN B 207 25.41 -0.62 8.58
N SER B 208 25.76 -1.87 8.28
CA SER B 208 24.75 -2.89 7.99
C SER B 208 23.86 -3.20 9.19
N ARG B 209 24.49 -3.48 10.34
CA ARG B 209 23.74 -3.81 11.54
C ARG B 209 22.51 -2.93 11.70
N PRO B 210 22.70 -1.61 11.89
CA PRO B 210 21.59 -0.67 12.07
C PRO B 210 20.45 -0.88 11.10
N MSE B 211 20.77 -1.24 9.87
CA MSE B 211 19.71 -1.41 8.89
C MSE B 211 19.03 -2.75 8.90
O MSE B 211 17.84 -2.85 8.59
CB MSE B 211 20.23 -1.06 7.52
CG MSE B 211 20.77 0.34 7.49
SE MSE B 211 21.03 0.95 5.74
CE MSE B 211 19.43 1.99 5.53
N ASN B 212 19.75 -3.81 9.27
CA ASN B 212 19.09 -5.10 9.32
C ASN B 212 18.02 -4.95 10.39
N MSE B 213 18.41 -4.39 11.53
CA MSE B 213 17.50 -4.14 12.65
C MSE B 213 16.34 -3.32 12.09
O MSE B 213 15.20 -3.78 12.02
CB MSE B 213 18.21 -3.30 13.71
CG MSE B 213 19.52 -3.87 14.17
SE MSE B 213 19.25 -4.86 15.77
CE MSE B 213 18.28 -6.35 15.04
N LEU B 214 16.68 -2.10 11.72
CA LEU B 214 15.74 -1.15 11.16
C LEU B 214 14.73 -1.85 10.25
N ALA B 215 15.22 -2.81 9.46
CA ALA B 215 14.39 -3.53 8.51
C ALA B 215 13.32 -4.40 9.15
N LEU B 216 13.54 -4.84 10.38
CA LEU B 216 12.56 -5.66 11.08
C LEU B 216 11.30 -4.84 11.25
N GLY B 217 11.48 -3.55 11.53
CA GLY B 217 10.34 -2.67 11.71
C GLY B 217 10.45 -1.94 13.03
N GLU B 218 10.06 -0.66 13.01
CA GLU B 218 10.10 0.21 14.19
C GLU B 218 10.08 -0.52 15.53
N ILE B 219 8.91 -0.93 15.99
CA ILE B 219 8.79 -1.60 17.27
C ILE B 219 9.86 -2.66 17.51
N SER B 220 9.93 -3.65 16.62
CA SER B 220 10.93 -4.71 16.77
C SER B 220 12.32 -4.11 16.89
N ALA B 221 12.63 -3.18 15.99
CA ALA B 221 13.91 -2.51 15.96
C ALA B 221 14.19 -1.85 17.30
N ARG B 222 13.15 -1.23 17.85
CA ARG B 222 13.28 -0.56 19.13
C ARG B 222 13.45 -1.55 20.28
N GLN B 223 12.40 -2.30 20.57
CA GLN B 223 12.44 -3.26 21.68
C GLN B 223 13.73 -4.09 21.70
N LEU B 224 14.47 -4.11 20.60
CA LEU B 224 15.73 -4.85 20.53
C LEU B 224 16.94 -3.99 20.92
N GLY B 225 16.67 -2.77 21.37
CA GLY B 225 17.72 -1.87 21.80
C GLY B 225 18.38 -0.98 20.76
N LEU B 226 17.71 -0.74 19.64
CA LEU B 226 18.29 0.09 18.59
C LEU B 226 17.99 1.58 18.75
N PRO B 227 19.03 2.43 18.71
CA PRO B 227 18.83 3.88 18.84
C PRO B 227 18.12 4.28 17.55
N LEU B 228 16.80 4.14 17.52
CA LEU B 228 16.04 4.46 16.32
C LEU B 228 16.17 5.90 15.82
N TRP B 229 15.78 6.87 16.65
CA TRP B 229 15.89 8.26 16.24
C TRP B 229 17.26 8.59 15.65
N PHE B 230 18.31 8.22 16.36
CA PHE B 230 19.65 8.48 15.85
C PHE B 230 19.73 8.00 14.41
N TRP B 231 19.89 6.69 14.24
CA TRP B 231 19.98 6.07 12.92
C TRP B 231 18.98 6.57 11.90
N ARG B 232 17.77 6.88 12.33
CA ARG B 232 16.82 7.39 11.36
C ARG B 232 17.39 8.68 10.83
N ASN B 233 17.65 9.63 11.74
CA ASN B 233 18.20 10.93 11.36
C ASN B 233 19.55 10.79 10.68
N VAL B 234 20.39 9.91 11.20
CA VAL B 234 21.71 9.72 10.61
C VAL B 234 21.61 9.39 9.12
N LEU B 235 20.82 8.37 8.79
CA LEU B 235 20.65 7.97 7.39
C LEU B 235 20.00 9.06 6.56
N VAL B 236 19.09 9.81 7.17
CA VAL B 236 18.41 10.89 6.47
C VAL B 236 19.50 11.81 5.93
N ALA B 237 20.47 12.08 6.78
CA ALA B 237 21.59 12.93 6.40
C ALA B 237 22.40 12.24 5.32
N ALA B 238 22.94 11.06 5.65
CA ALA B 238 23.75 10.30 4.69
C ALA B 238 23.04 10.24 3.33
N THR B 239 21.72 10.27 3.37
CA THR B 239 20.93 10.24 2.17
C THR B 239 21.07 11.57 1.45
N GLY B 240 20.51 12.62 2.04
CA GLY B 240 20.60 13.95 1.45
C GLY B 240 21.99 14.25 0.93
N TRP B 241 23.01 13.80 1.67
CA TRP B 241 24.39 14.01 1.25
C TRP B 241 24.56 13.44 -0.14
N MSE B 242 24.64 12.12 -0.22
CA MSE B 242 24.81 11.40 -1.48
C MSE B 242 23.89 11.93 -2.57
O MSE B 242 24.34 12.32 -3.64
CB MSE B 242 24.53 9.91 -1.31
CG MSE B 242 25.25 9.25 -0.16
SE MSE B 242 24.88 7.36 -0.06
CE MSE B 242 26.24 6.76 -1.27
N VAL B 243 22.60 11.95 -2.28
CA VAL B 243 21.63 12.43 -3.26
C VAL B 243 21.99 13.81 -3.80
N GLY B 244 22.03 14.80 -2.91
CA GLY B 244 22.34 16.16 -3.32
C GLY B 244 23.56 16.26 -4.20
N VAL B 245 24.67 15.75 -3.70
CA VAL B 245 25.91 15.80 -4.46
C VAL B 245 25.70 15.21 -5.85
N SER B 246 25.13 14.01 -5.91
CA SER B 246 24.86 13.36 -7.18
C SER B 246 24.11 14.29 -8.13
N VAL B 247 23.17 15.05 -7.59
CA VAL B 247 22.37 15.97 -8.38
C VAL B 247 23.27 17.12 -8.85
N ALA B 248 24.07 17.65 -7.94
CA ALA B 248 24.97 18.74 -8.30
C ALA B 248 25.94 18.22 -9.34
N LEU B 249 26.24 16.94 -9.27
CA LEU B 249 27.16 16.34 -10.20
C LEU B 249 26.51 16.02 -11.54
N ALA B 250 25.38 15.32 -11.54
CA ALA B 250 24.74 14.97 -12.81
C ALA B 250 23.23 15.17 -12.88
N GLY B 251 22.71 16.15 -12.15
CA GLY B 251 21.29 16.41 -12.18
C GLY B 251 20.43 15.31 -11.60
N ALA B 252 19.20 15.22 -12.08
CA ALA B 252 18.25 14.24 -11.60
C ALA B 252 18.22 12.96 -12.41
N ILE B 253 18.91 11.93 -11.92
CA ILE B 253 18.93 10.64 -12.57
C ILE B 253 17.96 9.84 -11.73
N GLY B 254 17.16 8.97 -12.34
CA GLY B 254 16.11 8.25 -11.60
C GLY B 254 15.97 6.81 -12.03
N PHE B 255 15.42 5.99 -11.16
CA PHE B 255 15.24 4.60 -11.50
C PHE B 255 16.46 3.77 -11.44
N ILE B 256 17.37 3.99 -10.54
CA ILE B 256 18.41 2.98 -10.37
C ILE B 256 18.34 2.70 -8.88
N GLY B 257 17.87 3.65 -8.11
CA GLY B 257 17.74 3.50 -6.68
C GLY B 257 16.62 2.53 -6.34
N LEU B 258 15.69 2.38 -7.26
CA LEU B 258 14.56 1.49 -7.05
C LEU B 258 14.92 0.07 -7.48
N VAL B 259 15.30 -0.08 -8.75
CA VAL B 259 15.62 -1.39 -9.28
C VAL B 259 16.85 -2.12 -8.75
N ILE B 260 18.03 -1.52 -8.90
CA ILE B 260 19.24 -2.17 -8.43
C ILE B 260 19.15 -2.83 -7.05
N PRO B 261 18.55 -2.16 -6.06
CA PRO B 261 18.44 -2.77 -4.73
C PRO B 261 17.68 -4.09 -4.80
N HIS B 262 16.44 -4.02 -5.28
CA HIS B 262 15.60 -5.21 -5.37
C HIS B 262 16.22 -6.36 -6.17
N ILE B 263 16.73 -6.06 -7.36
CA ILE B 263 17.36 -7.09 -8.17
C ILE B 263 18.36 -7.87 -7.33
N LEU B 264 19.20 -7.16 -6.58
CA LEU B 264 20.19 -7.80 -5.74
C LEU B 264 19.56 -8.64 -4.63
N ARG B 265 18.36 -8.27 -4.19
CA ARG B 265 17.72 -9.06 -3.16
C ARG B 265 17.29 -10.36 -3.86
N LEU B 266 16.84 -10.23 -5.10
CA LEU B 266 16.43 -11.39 -5.89
C LEU B 266 17.57 -12.38 -5.98
N CYS B 267 18.77 -11.88 -6.22
CA CYS B 267 19.95 -12.73 -6.32
C CYS B 267 20.25 -13.35 -4.96
N GLY B 268 19.62 -12.84 -3.92
CA GLY B 268 19.85 -13.38 -2.60
C GLY B 268 20.69 -12.51 -1.70
N LEU B 269 20.88 -11.25 -2.09
CA LEU B 269 21.66 -10.32 -1.27
C LEU B 269 20.61 -9.62 -0.42
N THR B 270 20.52 -10.04 0.84
CA THR B 270 19.54 -9.48 1.76
C THR B 270 20.18 -8.86 2.98
N ASP B 271 21.13 -9.56 3.58
CA ASP B 271 21.83 -9.02 4.75
C ASP B 271 22.45 -7.72 4.24
N HIS B 272 22.12 -6.60 4.88
CA HIS B 272 22.66 -5.31 4.44
C HIS B 272 24.19 -5.27 4.45
N ARG B 273 24.81 -6.30 5.01
CA ARG B 273 26.27 -6.38 5.05
C ARG B 273 26.74 -6.70 3.64
N VAL B 274 25.82 -7.20 2.83
CA VAL B 274 26.11 -7.54 1.45
C VAL B 274 25.37 -6.63 0.50
N LEU B 275 24.10 -6.37 0.78
CA LEU B 275 23.27 -5.53 -0.08
C LEU B 275 23.85 -4.15 -0.32
N LEU B 276 24.53 -3.60 0.67
CA LEU B 276 25.12 -2.28 0.50
C LEU B 276 26.25 -2.36 -0.52
N PRO B 277 27.30 -3.16 -0.21
CA PRO B 277 28.42 -3.28 -1.16
C PRO B 277 27.87 -3.68 -2.52
N GLY B 278 27.01 -4.70 -2.50
CA GLY B 278 26.41 -5.19 -3.72
C GLY B 278 25.74 -4.05 -4.47
N CYS B 279 25.07 -3.16 -3.73
CA CYS B 279 24.40 -2.04 -4.37
C CYS B 279 25.43 -1.11 -5.01
N ALA B 280 26.49 -0.80 -4.26
CA ALA B 280 27.54 0.08 -4.75
C ALA B 280 28.03 -0.42 -6.10
N LEU B 281 28.41 -1.70 -6.15
CA LEU B 281 28.92 -2.31 -7.37
C LEU B 281 27.90 -2.35 -8.50
N ALA B 282 26.71 -2.89 -8.21
CA ALA B 282 25.67 -2.98 -9.23
C ALA B 282 25.15 -1.59 -9.58
N GLY B 283 25.31 -0.66 -8.66
CA GLY B 283 24.87 0.70 -8.91
C GLY B 283 25.77 1.36 -9.91
N ALA B 284 27.08 1.23 -9.66
CA ALA B 284 28.09 1.82 -10.52
C ALA B 284 28.01 1.28 -11.93
N SER B 285 28.20 -0.03 -12.08
CA SER B 285 28.15 -0.64 -13.39
C SER B 285 26.87 -0.23 -14.10
N ALA B 286 25.74 -0.52 -13.47
CA ALA B 286 24.44 -0.19 -14.02
C ALA B 286 24.39 1.19 -14.67
N LEU B 287 24.88 2.21 -13.97
CA LEU B 287 24.85 3.55 -14.52
C LEU B 287 25.89 3.78 -15.61
N LEU B 288 27.03 3.09 -15.53
CA LEU B 288 28.05 3.26 -16.56
C LEU B 288 27.42 2.92 -17.90
N LEU B 289 26.94 1.68 -18.03
CA LEU B 289 26.28 1.26 -19.25
C LEU B 289 25.32 2.36 -19.68
N ALA B 290 24.39 2.68 -18.79
CA ALA B 290 23.40 3.71 -19.06
C ALA B 290 24.05 4.94 -19.68
N ASP B 291 25.19 5.34 -19.12
CA ASP B 291 25.90 6.52 -19.62
C ASP B 291 26.50 6.25 -20.99
N ILE B 292 27.24 5.16 -21.11
CA ILE B 292 27.83 4.78 -22.38
C ILE B 292 26.77 4.82 -23.46
N VAL B 293 25.63 4.19 -23.20
CA VAL B 293 24.55 4.18 -24.17
C VAL B 293 24.09 5.60 -24.46
N ALA B 294 23.89 6.39 -23.40
CA ALA B 294 23.46 7.77 -23.58
C ALA B 294 24.49 8.53 -24.40
N ARG B 295 25.72 8.02 -24.37
CA ARG B 295 26.83 8.64 -25.07
C ARG B 295 26.93 8.33 -26.60
N LEU B 296 26.50 7.12 -27.02
CA LEU B 296 26.64 6.72 -28.45
C LEU B 296 25.40 6.68 -29.29
N ALA B 297 24.29 6.18 -28.76
CA ALA B 297 23.03 6.00 -29.48
C ALA B 297 22.57 7.07 -30.51
N LEU B 298 22.89 8.38 -30.40
CA LEU B 298 22.48 9.45 -31.38
C LEU B 298 23.68 10.37 -31.57
N ALA B 299 24.37 10.19 -32.67
CA ALA B 299 25.55 10.97 -32.91
C ALA B 299 25.35 12.48 -32.88
N ALA B 300 24.14 12.93 -33.12
CA ALA B 300 23.95 14.36 -33.13
C ALA B 300 24.00 14.97 -31.74
N ALA B 301 23.41 14.28 -30.76
CA ALA B 301 23.34 14.85 -29.43
C ALA B 301 23.39 13.78 -28.33
N GLU B 302 24.09 14.02 -27.19
CA GLU B 302 24.19 13.01 -26.14
C GLU B 302 22.84 12.89 -25.42
N LEU B 303 22.38 11.66 -25.22
CA LEU B 303 21.11 11.43 -24.55
C LEU B 303 21.15 11.71 -23.06
N PRO B 304 20.06 12.28 -22.52
CA PRO B 304 19.96 12.58 -21.10
C PRO B 304 20.00 11.28 -20.31
N ILE B 305 21.08 11.07 -19.58
CA ILE B 305 21.26 9.85 -18.81
C ILE B 305 19.91 9.39 -18.25
N GLY B 306 19.13 10.32 -17.72
CA GLY B 306 17.84 9.99 -17.16
C GLY B 306 16.97 9.14 -18.06
N VAL B 307 16.75 9.60 -19.30
CA VAL B 307 15.92 8.87 -20.26
C VAL B 307 16.36 7.42 -20.31
N VAL B 308 17.66 7.20 -20.48
CA VAL B 308 18.19 5.85 -20.55
C VAL B 308 17.75 5.03 -19.34
N THR B 309 18.28 5.37 -18.16
CA THR B 309 17.95 4.66 -16.93
C THR B 309 16.45 4.42 -16.80
N ALA B 310 15.66 5.41 -17.21
CA ALA B 310 14.20 5.30 -17.14
C ALA B 310 13.66 4.31 -18.15
N THR B 311 14.15 4.41 -19.39
CA THR B 311 13.71 3.53 -20.46
C THR B 311 13.91 2.07 -20.10
N LEU B 312 15.10 1.74 -19.61
CA LEU B 312 15.41 0.37 -19.22
C LEU B 312 14.77 0.08 -17.87
N GLY B 313 14.68 1.11 -17.04
CA GLY B 313 14.11 0.97 -15.71
C GLY B 313 12.68 0.48 -15.65
N ALA B 314 11.75 1.30 -16.14
CA ALA B 314 10.34 0.93 -16.13
C ALA B 314 10.12 -0.55 -16.45
N PRO B 315 10.71 -1.04 -17.55
CA PRO B 315 10.56 -2.45 -17.91
C PRO B 315 11.09 -3.41 -16.83
N VAL B 316 12.38 -3.34 -16.52
CA VAL B 316 12.95 -4.22 -15.51
C VAL B 316 12.23 -4.10 -14.19
N PHE B 317 11.44 -3.05 -14.03
CA PHE B 317 10.70 -2.87 -12.79
C PHE B 317 9.40 -3.67 -12.88
N ILE B 318 8.71 -3.55 -14.00
CA ILE B 318 7.48 -4.28 -14.23
C ILE B 318 7.78 -5.75 -13.95
N TRP B 319 8.80 -6.26 -14.61
CA TRP B 319 9.18 -7.66 -14.44
C TRP B 319 9.37 -7.96 -12.97
N LEU B 320 10.09 -7.10 -12.26
CA LEU B 320 10.33 -7.31 -10.84
C LEU B 320 9.02 -7.44 -10.07
N LEU B 321 7.99 -6.73 -10.53
CA LEU B 321 6.69 -6.79 -9.89
C LEU B 321 6.05 -8.16 -10.04
N LEU B 322 6.20 -8.77 -11.21
CA LEU B 322 5.64 -10.10 -11.46
C LEU B 322 6.41 -11.20 -10.74
N LYS B 323 7.73 -11.04 -10.68
CA LYS B 323 8.61 -12.01 -10.04
C LYS B 323 8.44 -12.06 -8.52
N ALA B 324 8.58 -10.91 -7.87
CA ALA B 324 8.45 -10.82 -6.43
C ALA B 324 7.08 -11.34 -5.96
N SER C 2 -35.32 -30.91 4.41
CA SER C 2 -34.44 -30.43 5.52
C SER C 2 -33.04 -30.14 5.01
N ILE C 3 -32.43 -31.11 4.33
CA ILE C 3 -31.08 -30.90 3.79
C ILE C 3 -31.14 -29.80 2.74
N VAL C 4 -30.36 -28.74 2.97
CA VAL C 4 -30.33 -27.61 2.08
C VAL C 4 -29.20 -27.69 1.08
N MSE C 5 -28.02 -28.08 1.55
CA MSE C 5 -26.89 -28.19 0.66
C MSE C 5 -26.27 -29.57 0.73
O MSE C 5 -26.26 -30.21 1.79
CB MSE C 5 -25.85 -27.13 1.02
CG MSE C 5 -24.55 -27.28 0.24
SE MSE C 5 -23.37 -25.80 0.49
CE MSE C 5 -24.03 -24.69 -0.92
N GLN C 6 -25.75 -30.03 -0.41
CA GLN C 6 -25.13 -31.35 -0.50
C GLN C 6 -23.76 -31.28 -1.18
N LEU C 7 -22.76 -31.85 -0.52
CA LEU C 7 -21.40 -31.87 -1.06
C LEU C 7 -21.08 -33.29 -1.53
N GLN C 8 -20.76 -33.41 -2.81
CA GLN C 8 -20.43 -34.71 -3.41
C GLN C 8 -19.00 -34.73 -3.94
N ASP C 9 -18.14 -35.46 -3.23
CA ASP C 9 -16.73 -35.59 -3.58
C ASP C 9 -16.12 -34.25 -4.00
N VAL C 10 -16.16 -33.28 -3.08
CA VAL C 10 -15.61 -31.96 -3.33
C VAL C 10 -14.14 -31.99 -3.00
N ALA C 11 -13.31 -31.31 -3.77
CA ALA C 11 -11.91 -31.28 -3.49
C ALA C 11 -11.21 -30.57 -4.66
N GLU C 12 -10.32 -29.59 -4.36
CA GLU C 12 -9.53 -28.87 -5.36
C GLU C 12 -8.05 -28.89 -4.97
N SER C 13 -7.26 -29.68 -5.70
CA SER C 13 -5.83 -29.89 -5.41
C SER C 13 -5.67 -30.59 -4.04
N THR C 14 -4.43 -30.59 -3.49
CA THR C 14 -4.16 -31.27 -2.23
C THR C 14 -4.71 -30.51 -1.04
N ARG C 15 -4.80 -29.19 -1.07
CA ARG C 15 -5.35 -28.50 0.08
C ARG C 15 -6.68 -29.11 0.51
N LEU C 16 -7.59 -29.31 -0.44
CA LEU C 16 -8.89 -29.89 -0.14
C LEU C 16 -9.04 -31.25 -0.81
N GLY C 17 -8.90 -32.32 -0.03
CA GLY C 17 -9.04 -33.65 -0.58
C GLY C 17 -10.50 -33.98 -0.83
N PRO C 18 -10.82 -35.14 -1.42
CA PRO C 18 -12.20 -35.54 -1.69
C PRO C 18 -13.03 -35.52 -0.41
N LEU C 19 -14.09 -34.73 -0.41
CA LEU C 19 -14.93 -34.61 0.77
C LEU C 19 -16.40 -34.50 0.41
N SER C 20 -17.26 -35.16 1.17
CA SER C 20 -18.69 -35.12 0.93
C SER C 20 -19.46 -35.02 2.22
N GLY C 21 -20.61 -34.36 2.16
CA GLY C 21 -21.42 -34.19 3.36
C GLY C 21 -22.73 -33.49 3.11
N GLU C 22 -23.51 -33.32 4.18
CA GLU C 22 -24.82 -32.68 4.08
C GLU C 22 -24.95 -31.45 4.97
N VAL C 23 -25.65 -30.44 4.47
CA VAL C 23 -25.90 -29.23 5.24
C VAL C 23 -27.39 -29.17 5.49
N ARG C 24 -27.78 -29.51 6.72
CA ARG C 24 -29.19 -29.51 7.11
C ARG C 24 -29.67 -28.17 7.64
N ALA C 25 -30.76 -27.66 7.08
CA ALA C 25 -31.33 -26.39 7.51
C ALA C 25 -31.59 -26.35 9.01
N GLY C 26 -31.86 -25.15 9.52
CA GLY C 26 -32.13 -24.99 10.94
C GLY C 26 -31.04 -25.53 11.85
N GLU C 27 -29.86 -25.77 11.29
CA GLU C 27 -28.73 -26.29 12.06
C GLU C 27 -27.44 -25.49 11.89
N ILE C 28 -26.58 -25.59 12.90
CA ILE C 28 -25.29 -24.91 12.90
C ILE C 28 -24.17 -25.94 12.76
N LEU C 29 -23.47 -25.92 11.62
CA LEU C 29 -22.37 -26.85 11.37
C LEU C 29 -21.02 -26.14 11.53
N HIS C 30 -20.11 -26.75 12.26
CA HIS C 30 -18.78 -26.18 12.48
C HIS C 30 -17.66 -26.94 11.77
N LEU C 31 -16.89 -26.23 10.94
CA LEU C 31 -15.77 -26.88 10.28
C LEU C 31 -14.61 -26.85 11.27
N VAL C 32 -14.31 -28.00 11.85
CA VAL C 32 -13.25 -28.13 12.85
C VAL C 32 -11.99 -28.76 12.29
N GLY C 33 -10.84 -28.22 12.69
CA GLY C 33 -9.58 -28.77 12.21
C GLY C 33 -8.43 -27.79 12.37
N PRO C 34 -7.18 -28.25 12.20
CA PRO C 34 -5.96 -27.43 12.33
C PRO C 34 -5.82 -26.48 11.16
N ASN C 35 -4.71 -25.74 11.14
CA ASN C 35 -4.46 -24.79 10.08
C ASN C 35 -3.95 -25.52 8.84
N GLY C 36 -4.60 -25.27 7.70
CA GLY C 36 -4.22 -25.90 6.46
C GLY C 36 -5.19 -27.02 6.12
N ALA C 37 -5.95 -27.45 7.11
CA ALA C 37 -6.93 -28.51 6.95
C ALA C 37 -8.04 -28.25 5.91
N GLY C 38 -7.87 -27.25 5.06
CA GLY C 38 -8.87 -26.99 4.04
C GLY C 38 -10.10 -26.12 4.32
N LYS C 39 -10.46 -25.99 5.60
CA LYS C 39 -11.63 -25.20 6.04
C LYS C 39 -12.06 -23.99 5.21
N SER C 40 -11.14 -23.05 4.98
CA SER C 40 -11.48 -21.86 4.22
C SER C 40 -11.85 -22.20 2.78
N THR C 41 -10.99 -23.01 2.14
CA THR C 41 -11.20 -23.44 0.75
C THR C 41 -12.57 -24.08 0.60
N LEU C 42 -12.91 -24.91 1.56
CA LEU C 42 -14.20 -25.58 1.53
C LEU C 42 -15.26 -24.48 1.49
N LEU C 43 -15.33 -23.69 2.55
CA LEU C 43 -16.31 -22.61 2.64
C LEU C 43 -16.44 -21.79 1.36
N ALA C 44 -15.31 -21.45 0.75
CA ALA C 44 -15.30 -20.67 -0.48
C ALA C 44 -16.14 -21.35 -1.55
N ARG C 45 -16.07 -22.68 -1.60
CA ARG C 45 -16.83 -23.45 -2.58
C ARG C 45 -18.30 -23.33 -2.26
N MSE C 46 -18.68 -23.91 -1.14
CA MSE C 46 -20.06 -23.89 -0.69
C MSE C 46 -20.70 -22.55 -0.99
O MSE C 46 -21.89 -22.46 -1.29
CB MSE C 46 -20.09 -24.21 0.80
CG MSE C 46 -19.24 -25.42 1.13
SE MSE C 46 -19.26 -26.00 2.94
CE MSE C 46 -21.17 -26.23 3.14
N ALA C 47 -19.90 -21.49 -0.94
CA ALA C 47 -20.37 -20.14 -1.20
C ALA C 47 -20.64 -19.95 -2.69
N GLY C 48 -19.67 -20.33 -3.51
CA GLY C 48 -19.81 -20.19 -4.94
C GLY C 48 -18.70 -19.30 -5.47
N MSE C 49 -17.77 -18.94 -4.58
CA MSE C 49 -16.67 -18.07 -4.96
C MSE C 49 -15.63 -18.83 -5.77
O MSE C 49 -14.95 -18.25 -6.61
CB MSE C 49 -16.04 -17.46 -3.71
CG MSE C 49 -17.02 -16.69 -2.84
SE MSE C 49 -17.99 -15.30 -3.78
CE MSE C 49 -16.49 -14.24 -4.32
N THR C 50 -15.52 -20.13 -5.53
CA THR C 50 -14.56 -20.96 -6.25
C THR C 50 -15.25 -22.12 -6.97
N SER C 51 -14.66 -22.56 -8.07
CA SER C 51 -15.18 -23.67 -8.86
C SER C 51 -14.13 -24.77 -8.92
N GLY C 52 -14.55 -25.99 -9.25
CA GLY C 52 -13.58 -27.07 -9.35
C GLY C 52 -14.12 -28.49 -9.29
N LYS C 53 -13.21 -29.42 -9.01
CA LYS C 53 -13.54 -30.83 -8.92
C LYS C 53 -14.39 -31.18 -7.72
N GLY C 54 -15.60 -31.68 -8.02
CA GLY C 54 -16.54 -32.05 -6.99
C GLY C 54 -17.90 -31.57 -7.44
N SER C 55 -18.93 -31.88 -6.67
CA SER C 55 -20.27 -31.46 -7.02
C SER C 55 -21.04 -30.95 -5.81
N ILE C 56 -21.50 -29.71 -5.89
CA ILE C 56 -22.25 -29.12 -4.79
C ILE C 56 -23.61 -28.69 -5.31
N GLN C 57 -24.66 -29.19 -4.69
CA GLN C 57 -26.01 -28.84 -5.07
C GLN C 57 -26.63 -28.04 -3.92
N PHE C 58 -27.20 -26.89 -4.25
CA PHE C 58 -27.80 -26.03 -3.24
C PHE C 58 -29.32 -25.96 -3.37
N ALA C 59 -30.01 -26.55 -2.40
CA ALA C 59 -31.47 -26.57 -2.39
C ALA C 59 -32.03 -27.01 -3.74
N GLY C 60 -31.70 -28.24 -4.13
CA GLY C 60 -32.17 -28.75 -5.41
C GLY C 60 -31.15 -28.57 -6.52
N GLN C 61 -31.23 -27.44 -7.21
CA GLN C 61 -30.32 -27.13 -8.30
C GLN C 61 -28.88 -27.10 -7.77
N PRO C 62 -27.90 -27.42 -8.64
CA PRO C 62 -26.50 -27.39 -8.18
C PRO C 62 -25.98 -25.96 -8.26
N LEU C 63 -25.09 -25.60 -7.34
CA LEU C 63 -24.52 -24.25 -7.33
C LEU C 63 -24.26 -23.72 -8.74
N GLU C 64 -23.47 -24.48 -9.48
CA GLU C 64 -23.10 -24.16 -10.85
C GLU C 64 -24.29 -23.72 -11.70
N ALA C 65 -25.48 -24.20 -11.34
CA ALA C 65 -26.70 -23.86 -12.07
C ALA C 65 -27.27 -22.52 -11.63
N TRP C 66 -27.03 -22.17 -10.36
CA TRP C 66 -27.52 -20.92 -9.79
C TRP C 66 -26.97 -19.67 -10.45
N SER C 67 -27.79 -18.62 -10.47
CA SER C 67 -27.36 -17.35 -11.02
C SER C 67 -26.88 -16.55 -9.83
N ALA C 68 -25.84 -15.73 -10.04
CA ALA C 68 -25.31 -14.92 -8.95
C ALA C 68 -26.43 -14.26 -8.17
N THR C 69 -27.22 -13.45 -8.88
CA THR C 69 -28.32 -12.71 -8.28
C THR C 69 -29.17 -13.49 -7.28
N LYS C 70 -29.77 -14.60 -7.73
CA LYS C 70 -30.61 -15.43 -6.88
C LYS C 70 -29.82 -16.02 -5.72
N LEU C 71 -28.62 -16.51 -6.02
CA LEU C 71 -27.76 -17.11 -5.03
C LEU C 71 -27.60 -16.18 -3.83
N ALA C 72 -27.42 -14.89 -4.11
CA ALA C 72 -27.24 -13.88 -3.10
C ALA C 72 -28.48 -13.70 -2.23
N LEU C 73 -29.60 -14.25 -2.66
CA LEU C 73 -30.83 -14.13 -1.89
C LEU C 73 -31.01 -15.34 -1.00
N HIS C 74 -30.38 -16.45 -1.38
CA HIS C 74 -30.52 -17.68 -0.61
C HIS C 74 -29.37 -17.95 0.33
N ARG C 75 -28.24 -17.30 0.10
CA ARG C 75 -27.07 -17.51 0.97
C ARG C 75 -26.15 -16.30 1.05
N ALA C 76 -25.48 -16.16 2.19
CA ALA C 76 -24.55 -15.06 2.43
C ALA C 76 -23.19 -15.66 2.78
N TYR C 77 -22.13 -15.01 2.31
CA TYR C 77 -20.77 -15.48 2.56
C TYR C 77 -19.90 -14.44 3.25
N LEU C 78 -19.08 -14.92 4.18
CA LEU C 78 -18.18 -14.04 4.91
C LEU C 78 -16.76 -14.58 4.86
N SER C 79 -15.93 -13.96 4.03
CA SER C 79 -14.54 -14.35 3.89
C SER C 79 -13.79 -14.18 5.20
N GLN C 80 -12.66 -14.84 5.32
CA GLN C 80 -11.84 -14.78 6.52
C GLN C 80 -11.45 -13.35 6.86
N GLN C 81 -11.21 -12.54 5.83
CA GLN C 81 -10.82 -11.15 6.02
C GLN C 81 -11.02 -10.36 4.74
N GLN C 82 -11.50 -9.12 4.89
CA GLN C 82 -11.74 -8.26 3.74
C GLN C 82 -11.39 -6.82 4.11
N THR C 83 -10.63 -6.15 3.25
CA THR C 83 -10.23 -4.76 3.50
C THR C 83 -11.42 -3.80 3.44
N PRO C 84 -11.70 -3.11 4.56
CA PRO C 84 -12.81 -2.17 4.61
C PRO C 84 -12.77 -1.13 3.50
N PRO C 85 -13.92 -0.89 2.85
CA PRO C 85 -14.01 0.08 1.75
C PRO C 85 -13.70 1.50 2.24
N PHE C 86 -12.70 2.14 1.64
CA PHE C 86 -12.32 3.48 2.03
C PHE C 86 -13.47 4.45 1.77
N ALA C 87 -13.67 5.39 2.68
CA ALA C 87 -14.73 6.38 2.56
C ALA C 87 -16.10 5.77 2.28
N THR C 88 -16.70 5.19 3.31
CA THR C 88 -18.03 4.58 3.21
C THR C 88 -18.58 4.44 4.61
N PRO C 89 -19.66 5.16 4.92
CA PRO C 89 -20.29 5.14 6.23
C PRO C 89 -20.95 3.81 6.58
N VAL C 90 -20.62 3.29 7.76
CA VAL C 90 -21.16 2.03 8.23
C VAL C 90 -22.61 1.83 7.82
N TRP C 91 -23.45 2.85 7.99
CA TRP C 91 -24.87 2.70 7.65
C TRP C 91 -25.09 2.41 6.17
N HIS C 92 -24.24 2.94 5.30
CA HIS C 92 -24.40 2.69 3.88
C HIS C 92 -23.96 1.26 3.62
N TYR C 93 -22.83 0.89 4.20
CA TYR C 93 -22.28 -0.45 4.07
C TYR C 93 -23.38 -1.47 4.33
N LEU C 94 -24.02 -1.35 5.48
CA LEU C 94 -25.08 -2.27 5.86
C LEU C 94 -26.24 -2.23 4.87
N THR C 95 -26.75 -1.03 4.61
CA THR C 95 -27.87 -0.90 3.69
C THR C 95 -27.62 -1.68 2.41
N LEU C 96 -26.51 -1.38 1.74
CA LEU C 96 -26.16 -2.05 0.48
C LEU C 96 -26.36 -3.57 0.52
N HIS C 97 -26.25 -4.15 1.71
CA HIS C 97 -26.40 -5.60 1.86
C HIS C 97 -27.86 -6.02 1.94
N GLN C 98 -28.75 -5.08 2.25
CA GLN C 98 -30.17 -5.39 2.38
C GLN C 98 -30.85 -5.51 1.03
N HIS C 99 -31.61 -6.58 0.87
CA HIS C 99 -32.34 -6.81 -0.37
C HIS C 99 -33.60 -5.97 -0.39
N ASP C 100 -33.97 -5.45 0.77
CA ASP C 100 -35.15 -4.60 0.91
C ASP C 100 -34.76 -3.39 1.75
N LYS C 101 -34.23 -2.37 1.09
CA LYS C 101 -33.78 -1.15 1.75
C LYS C 101 -34.85 -0.62 2.71
N THR C 102 -36.09 -0.98 2.43
CA THR C 102 -37.24 -0.56 3.23
C THR C 102 -37.07 -0.81 4.71
N ARG C 103 -36.89 -2.09 5.07
CA ARG C 103 -36.74 -2.52 6.45
C ARG C 103 -35.61 -1.83 7.20
N THR C 104 -35.72 -0.51 7.30
CA THR C 104 -34.73 0.34 7.96
C THR C 104 -34.59 0.07 9.45
N GLU C 105 -35.71 -0.15 10.12
CA GLU C 105 -35.69 -0.39 11.56
C GLU C 105 -34.88 -1.64 11.91
N LEU C 106 -35.05 -2.68 11.09
CA LEU C 106 -34.33 -3.94 11.29
C LEU C 106 -32.83 -3.69 11.32
N LEU C 107 -32.37 -2.81 10.44
CA LEU C 107 -30.96 -2.48 10.38
C LEU C 107 -30.53 -1.98 11.76
N ASN C 108 -31.26 -1.02 12.28
CA ASN C 108 -30.97 -0.46 13.60
C ASN C 108 -30.91 -1.52 14.67
N ASP C 109 -31.77 -2.53 14.56
CA ASP C 109 -31.81 -3.60 15.56
C ASP C 109 -30.51 -4.40 15.51
N VAL C 110 -30.18 -4.92 14.33
CA VAL C 110 -28.97 -5.71 14.17
C VAL C 110 -27.75 -4.90 14.57
N ALA C 111 -27.67 -3.66 14.09
CA ALA C 111 -26.55 -2.81 14.43
C ALA C 111 -26.45 -2.69 15.94
N GLY C 112 -27.61 -2.59 16.57
CA GLY C 112 -27.63 -2.47 18.02
C GLY C 112 -27.10 -3.71 18.68
N ALA C 113 -27.72 -4.84 18.34
CA ALA C 113 -27.34 -6.14 18.89
C ALA C 113 -25.83 -6.32 18.93
N LEU C 114 -25.14 -5.85 17.89
CA LEU C 114 -23.70 -5.97 17.82
C LEU C 114 -23.00 -4.66 18.19
N ALA C 115 -23.61 -3.90 19.09
CA ALA C 115 -23.06 -2.63 19.56
C ALA C 115 -22.55 -1.73 18.44
N LEU C 116 -23.43 -1.32 17.53
CA LEU C 116 -23.01 -0.47 16.43
C LEU C 116 -23.96 0.68 16.17
N ASP C 117 -24.95 0.85 17.03
CA ASP C 117 -25.91 1.92 16.85
C ASP C 117 -25.22 3.28 16.89
N ASP C 118 -24.18 3.40 17.71
CA ASP C 118 -23.45 4.65 17.83
C ASP C 118 -22.32 4.70 16.78
N LYS C 119 -22.11 3.57 16.11
CA LYS C 119 -21.06 3.47 15.10
C LYS C 119 -21.58 3.76 13.69
N LEU C 120 -22.89 3.69 13.49
CA LEU C 120 -23.44 3.97 12.18
C LEU C 120 -22.96 5.34 11.77
N GLY C 121 -23.06 5.67 10.49
CA GLY C 121 -22.63 6.99 10.07
C GLY C 121 -21.13 7.26 10.14
N ARG C 122 -20.38 6.36 10.76
CA ARG C 122 -18.93 6.54 10.82
C ARG C 122 -18.34 5.71 9.66
N SER C 123 -17.38 6.29 8.94
CA SER C 123 -16.77 5.60 7.81
C SER C 123 -16.07 4.29 8.21
N THR C 124 -16.39 3.24 7.47
CA THR C 124 -15.83 1.91 7.72
C THR C 124 -14.33 1.90 7.82
N ASN C 125 -13.67 2.70 6.97
CA ASN C 125 -12.22 2.76 6.98
C ASN C 125 -11.69 3.39 8.26
N GLN C 126 -12.60 3.77 9.16
CA GLN C 126 -12.18 4.39 10.41
C GLN C 126 -12.63 3.64 11.66
N LEU C 127 -12.83 2.33 11.53
CA LEU C 127 -13.25 1.51 12.67
C LEU C 127 -12.06 0.72 13.20
N SER C 128 -12.22 0.18 14.39
CA SER C 128 -11.16 -0.62 15.01
C SER C 128 -11.31 -2.03 14.48
N GLY C 129 -10.48 -2.94 14.97
CA GLY C 129 -10.54 -4.31 14.53
C GLY C 129 -11.88 -4.95 14.86
N GLY C 130 -12.14 -5.13 16.14
CA GLY C 130 -13.40 -5.71 16.56
C GLY C 130 -14.61 -5.00 15.97
N GLU C 131 -14.47 -3.71 15.74
CA GLU C 131 -15.56 -2.93 15.18
C GLU C 131 -15.90 -3.36 13.76
N TRP C 132 -14.91 -3.30 12.89
CA TRP C 132 -15.10 -3.69 11.49
C TRP C 132 -15.73 -5.07 11.40
N GLN C 133 -15.21 -6.01 12.17
CA GLN C 133 -15.74 -7.37 12.15
C GLN C 133 -17.24 -7.37 12.40
N ARG C 134 -17.66 -6.78 13.52
CA ARG C 134 -19.08 -6.73 13.85
C ARG C 134 -19.83 -6.04 12.71
N VAL C 135 -19.24 -5.00 12.16
CA VAL C 135 -19.85 -4.28 11.05
C VAL C 135 -20.08 -5.23 9.89
N ARG C 136 -19.11 -6.13 9.65
CA ARG C 136 -19.20 -7.10 8.56
C ARG C 136 -20.27 -8.12 8.85
N LEU C 137 -20.20 -8.72 10.04
CA LEU C 137 -21.17 -9.72 10.46
C LEU C 137 -22.56 -9.12 10.30
N ALA C 138 -22.73 -7.93 10.87
CA ALA C 138 -24.00 -7.23 10.81
C ALA C 138 -24.48 -7.23 9.37
N ALA C 139 -23.67 -6.63 8.51
CA ALA C 139 -23.98 -6.53 7.10
C ALA C 139 -24.42 -7.85 6.49
N VAL C 140 -23.73 -8.93 6.85
CA VAL C 140 -24.05 -10.23 6.30
C VAL C 140 -25.38 -10.73 6.82
N VAL C 141 -25.61 -10.55 8.12
CA VAL C 141 -26.87 -10.97 8.73
C VAL C 141 -28.05 -10.23 8.10
N LEU C 142 -28.00 -8.90 8.09
CA LEU C 142 -29.07 -8.13 7.47
C LEU C 142 -29.41 -8.69 6.08
N GLN C 143 -28.40 -9.18 5.38
CA GLN C 143 -28.59 -9.71 4.05
C GLN C 143 -29.45 -10.97 4.02
N ILE C 144 -29.25 -11.86 4.98
CA ILE C 144 -29.98 -13.11 4.97
C ILE C 144 -30.98 -13.40 6.09
N THR C 145 -31.28 -12.41 6.92
CA THR C 145 -32.23 -12.64 8.00
C THR C 145 -33.58 -13.03 7.43
N PRO C 146 -34.14 -14.15 7.90
CA PRO C 146 -35.45 -14.61 7.43
C PRO C 146 -36.53 -13.56 7.70
N GLN C 147 -36.27 -12.69 8.66
CA GLN C 147 -37.22 -11.63 8.99
C GLN C 147 -37.50 -10.77 7.76
N ALA C 148 -36.44 -10.23 7.18
CA ALA C 148 -36.55 -9.38 6.01
C ALA C 148 -36.45 -10.12 4.67
N ASN C 149 -35.76 -11.26 4.65
CA ASN C 149 -35.60 -12.01 3.41
C ASN C 149 -36.13 -13.43 3.50
N PRO C 150 -37.22 -13.71 2.75
CA PRO C 150 -37.86 -15.03 2.71
C PRO C 150 -37.00 -16.12 2.07
N ALA C 151 -36.16 -15.73 1.12
CA ALA C 151 -35.30 -16.69 0.43
C ALA C 151 -34.05 -17.10 1.21
N GLY C 152 -33.83 -16.47 2.36
CA GLY C 152 -32.66 -16.80 3.14
C GLY C 152 -32.66 -18.24 3.62
N GLN C 153 -31.59 -18.97 3.32
CA GLN C 153 -31.50 -20.36 3.73
C GLN C 153 -30.15 -20.78 4.29
N LEU C 154 -29.08 -20.17 3.79
CA LEU C 154 -27.74 -20.53 4.22
C LEU C 154 -26.80 -19.36 4.52
N LEU C 155 -26.10 -19.43 5.65
CA LEU C 155 -25.16 -18.39 6.07
C LEU C 155 -23.78 -18.98 6.33
N LEU C 156 -22.87 -18.78 5.38
CA LEU C 156 -21.51 -19.31 5.49
C LEU C 156 -20.55 -18.28 6.09
N LEU C 157 -19.93 -18.64 7.22
CA LEU C 157 -19.02 -17.74 7.91
C LEU C 157 -17.64 -18.34 8.15
N ASP C 158 -16.61 -17.70 7.60
CA ASP C 158 -15.24 -18.19 7.76
C ASP C 158 -14.49 -17.40 8.83
N GLU C 159 -14.35 -17.99 10.02
CA GLU C 159 -13.65 -17.36 11.14
C GLU C 159 -14.37 -16.05 11.49
N PRO C 160 -15.56 -16.15 12.08
CA PRO C 160 -16.33 -14.96 12.46
C PRO C 160 -15.88 -14.26 13.74
N MSE C 161 -15.66 -15.03 14.80
CA MSE C 161 -15.25 -14.51 16.10
C MSE C 161 -13.95 -13.73 16.09
O MSE C 161 -13.50 -13.24 17.13
CB MSE C 161 -15.13 -15.65 17.10
CG MSE C 161 -16.29 -16.61 17.08
SE MSE C 161 -17.89 -15.89 17.85
CE MSE C 161 -18.51 -14.82 16.36
N ASN C 162 -13.33 -13.61 14.92
CA ASN C 162 -12.07 -12.89 14.82
C ASN C 162 -12.19 -11.47 15.35
N SER C 163 -11.37 -11.13 16.34
CA SER C 163 -11.33 -9.79 16.93
C SER C 163 -12.41 -9.53 17.99
N LEU C 164 -13.35 -10.43 18.13
CA LEU C 164 -14.39 -10.21 19.12
C LEU C 164 -13.95 -10.67 20.50
N ASP C 165 -14.50 -10.03 21.53
CA ASP C 165 -14.17 -10.41 22.89
C ASP C 165 -15.28 -11.35 23.37
N VAL C 166 -15.04 -12.02 24.50
CA VAL C 166 -16.02 -12.96 25.02
C VAL C 166 -17.43 -12.42 24.84
N ALA C 167 -17.63 -11.15 25.21
CA ALA C 167 -18.92 -10.50 25.12
C ALA C 167 -19.45 -10.43 23.68
N GLN C 168 -18.70 -9.77 22.80
CA GLN C 168 -19.11 -9.64 21.40
C GLN C 168 -19.36 -11.01 20.80
N GLN C 169 -18.68 -12.00 21.36
CA GLN C 169 -18.89 -13.34 20.87
C GLN C 169 -20.29 -13.73 21.28
N SER C 170 -20.52 -13.82 22.58
CA SER C 170 -21.84 -14.15 23.13
C SER C 170 -22.91 -13.38 22.37
N ALA C 171 -22.61 -12.13 22.04
CA ALA C 171 -23.53 -11.29 21.31
C ALA C 171 -23.95 -12.00 20.03
N LEU C 172 -22.97 -12.37 19.21
CA LEU C 172 -23.25 -13.02 17.94
C LEU C 172 -23.87 -14.40 18.10
N ASP C 173 -23.52 -15.08 19.19
CA ASP C 173 -24.07 -16.40 19.45
C ASP C 173 -25.59 -16.28 19.44
N LYS C 174 -26.10 -15.30 20.18
CA LYS C 174 -27.53 -15.08 20.25
C LYS C 174 -28.10 -14.85 18.85
N ILE C 175 -27.42 -14.04 18.06
CA ILE C 175 -27.90 -13.77 16.71
C ILE C 175 -27.95 -15.04 15.87
N LEU C 176 -26.85 -15.79 15.87
CA LEU C 176 -26.82 -17.02 15.09
C LEU C 176 -27.91 -17.99 15.53
N SER C 177 -28.05 -18.21 16.83
CA SER C 177 -29.09 -19.11 17.34
C SER C 177 -30.42 -18.63 16.78
N ALA C 178 -30.78 -17.40 17.13
CA ALA C 178 -32.01 -16.80 16.65
C ALA C 178 -32.19 -17.04 15.17
N LEU C 179 -31.09 -17.12 14.44
CA LEU C 179 -31.12 -17.34 13.00
C LEU C 179 -31.48 -18.75 12.59
N CYS C 180 -30.86 -19.75 13.21
CA CYS C 180 -31.17 -21.12 12.83
C CYS C 180 -32.55 -21.48 13.35
N GLN C 181 -32.94 -20.84 14.46
CA GLN C 181 -34.25 -21.11 15.04
C GLN C 181 -35.31 -20.68 14.03
N GLN C 182 -34.96 -19.73 13.17
CA GLN C 182 -35.88 -19.25 12.15
C GLN C 182 -35.76 -20.13 10.93
N GLY C 183 -34.95 -21.19 11.06
CA GLY C 183 -34.77 -22.13 9.97
C GLY C 183 -33.57 -21.90 9.08
N LEU C 184 -32.64 -21.07 9.50
CA LEU C 184 -31.45 -20.82 8.68
C LEU C 184 -30.43 -21.92 8.83
N ALA C 185 -29.60 -22.09 7.81
CA ALA C 185 -28.54 -23.08 7.82
C ALA C 185 -27.25 -22.28 8.01
N ILE C 186 -26.62 -22.46 9.17
CA ILE C 186 -25.40 -21.73 9.47
C ILE C 186 -24.17 -22.64 9.45
N VAL C 187 -23.25 -22.37 8.54
CA VAL C 187 -22.02 -23.14 8.43
C VAL C 187 -20.84 -22.18 8.64
N MSE C 188 -20.06 -22.43 9.69
CA MSE C 188 -18.93 -21.58 10.02
C MSE C 188 -17.74 -22.40 10.50
O MSE C 188 -17.91 -23.49 11.06
CB MSE C 188 -19.33 -20.60 11.11
CG MSE C 188 -19.57 -21.27 12.45
SE MSE C 188 -20.17 -20.02 13.78
CE MSE C 188 -21.47 -21.08 14.73
N SER C 189 -16.53 -21.87 10.30
CA SER C 189 -15.32 -22.57 10.72
C SER C 189 -15.02 -22.35 12.20
N SER C 190 -15.32 -23.36 13.02
CA SER C 190 -15.10 -23.30 14.46
C SER C 190 -13.69 -22.93 14.85
N HIS C 191 -13.59 -22.09 15.89
CA HIS C 191 -12.31 -21.62 16.41
C HIS C 191 -11.88 -22.19 17.78
N ASP C 192 -12.89 -22.39 18.62
CA ASP C 192 -12.68 -22.95 19.94
C ASP C 192 -13.49 -24.23 20.10
N LEU C 193 -12.83 -25.31 20.53
CA LEU C 193 -13.52 -26.58 20.70
C LEU C 193 -14.61 -26.53 21.75
N ASN C 194 -14.34 -25.97 22.92
CA ASN C 194 -15.40 -25.89 23.93
C ASN C 194 -16.59 -25.16 23.31
N HIS C 195 -16.31 -24.09 22.58
CA HIS C 195 -17.34 -23.34 21.90
C HIS C 195 -18.15 -24.26 21.01
N THR C 196 -17.48 -24.84 20.02
CA THR C 196 -18.15 -25.73 19.08
C THR C 196 -18.94 -26.80 19.81
N LEU C 197 -18.41 -27.28 20.93
CA LEU C 197 -19.13 -28.30 21.70
C LEU C 197 -20.39 -27.70 22.30
N ARG C 198 -20.22 -26.53 22.88
CA ARG C 198 -21.30 -25.81 23.53
C ARG C 198 -22.36 -25.22 22.60
N HIS C 199 -21.96 -24.74 21.43
CA HIS C 199 -22.92 -24.10 20.52
C HIS C 199 -23.25 -24.73 19.18
N ALA C 200 -22.37 -25.57 18.64
CA ALA C 200 -22.61 -26.20 17.35
C ALA C 200 -23.57 -27.37 17.43
N HIS C 201 -24.14 -27.74 16.29
CA HIS C 201 -25.06 -28.87 16.20
C HIS C 201 -24.30 -30.04 15.60
N ARG C 202 -23.99 -29.94 14.31
CA ARG C 202 -23.23 -30.97 13.61
C ARG C 202 -21.80 -30.44 13.55
N ALA C 203 -20.86 -31.21 13.00
CA ALA C 203 -19.48 -30.73 12.93
C ALA C 203 -18.52 -31.63 12.15
N TRP C 204 -18.09 -31.17 10.97
CA TRP C 204 -17.13 -31.92 10.18
C TRP C 204 -15.74 -31.63 10.77
N LEU C 205 -14.89 -32.64 10.83
CA LEU C 205 -13.56 -32.46 11.37
C LEU C 205 -12.47 -32.72 10.33
N LEU C 206 -12.23 -31.75 9.46
CA LEU C 206 -11.20 -31.92 8.45
C LEU C 206 -9.78 -31.97 9.05
N LYS C 207 -8.87 -32.52 8.27
CA LYS C 207 -7.46 -32.66 8.64
C LYS C 207 -6.70 -32.85 7.35
N GLY C 208 -5.56 -32.19 7.22
CA GLY C 208 -4.79 -32.31 5.99
C GLY C 208 -5.58 -31.91 4.76
N GLY C 209 -6.90 -31.94 4.86
CA GLY C 209 -7.73 -31.57 3.74
C GLY C 209 -8.85 -32.57 3.57
N LYS C 210 -8.76 -33.67 4.31
CA LYS C 210 -9.75 -34.73 4.25
C LYS C 210 -10.60 -34.77 5.51
N MSE C 211 -11.81 -35.32 5.39
CA MSE C 211 -12.74 -35.38 6.52
C MSE C 211 -12.57 -36.60 7.42
O MSE C 211 -12.94 -37.71 7.07
CB MSE C 211 -14.17 -35.33 6.02
CG MSE C 211 -15.21 -35.25 7.12
SE MSE C 211 -16.97 -35.00 6.42
CE MSE C 211 -17.55 -36.86 6.46
N LEU C 212 -12.01 -36.39 8.61
CA LEU C 212 -11.81 -37.49 9.55
C LEU C 212 -13.12 -37.91 10.21
N ALA C 213 -14.11 -37.03 10.20
CA ALA C 213 -15.39 -37.36 10.82
C ALA C 213 -16.50 -36.36 10.52
N SER C 214 -17.68 -36.62 11.05
CA SER C 214 -18.85 -35.77 10.85
C SER C 214 -19.95 -36.19 11.83
N GLY C 215 -21.09 -35.50 11.78
CA GLY C 215 -22.19 -35.83 12.69
C GLY C 215 -22.25 -34.93 13.92
N ARG C 216 -23.07 -35.31 14.89
CA ARG C 216 -23.21 -34.50 16.10
C ARG C 216 -21.87 -34.12 16.70
N ARG C 217 -21.71 -32.83 16.99
CA ARG C 217 -20.47 -32.33 17.55
C ARG C 217 -19.96 -33.11 18.74
N GLU C 218 -20.87 -33.65 19.54
CA GLU C 218 -20.45 -34.41 20.72
C GLU C 218 -19.78 -35.72 20.36
N GLU C 219 -20.18 -36.30 19.23
CA GLU C 219 -19.61 -37.56 18.77
C GLU C 219 -18.32 -37.29 18.00
N VAL C 220 -18.36 -36.27 17.15
CA VAL C 220 -17.22 -35.92 16.32
C VAL C 220 -16.03 -35.37 17.11
N LEU C 221 -16.29 -34.66 18.19
CA LEU C 221 -15.20 -34.10 18.99
C LEU C 221 -14.74 -35.05 20.10
N THR C 222 -14.24 -36.22 19.70
CA THR C 222 -13.78 -37.21 20.66
C THR C 222 -12.26 -37.32 20.63
N PRO C 223 -11.62 -37.47 21.80
CA PRO C 223 -10.16 -37.60 21.93
C PRO C 223 -9.49 -38.39 20.81
N PRO C 224 -10.07 -39.55 20.44
CA PRO C 224 -9.46 -40.33 19.36
C PRO C 224 -9.34 -39.50 18.09
N ASN C 225 -10.44 -38.86 17.71
CA ASN C 225 -10.47 -38.02 16.52
C ASN C 225 -9.63 -36.76 16.67
N LEU C 226 -9.87 -36.02 17.75
CA LEU C 226 -9.12 -34.80 18.00
C LEU C 226 -7.64 -35.07 17.91
N ALA C 227 -7.21 -36.18 18.50
CA ALA C 227 -5.80 -36.56 18.46
C ALA C 227 -5.43 -36.89 17.03
N GLN C 228 -6.28 -37.63 16.35
CA GLN C 228 -6.01 -38.00 14.97
C GLN C 228 -5.88 -36.73 14.15
N ALA C 229 -6.63 -35.69 14.52
CA ALA C 229 -6.63 -34.42 13.81
C ALA C 229 -5.53 -33.45 14.19
N TYR C 230 -5.33 -33.22 15.49
CA TYR C 230 -4.30 -32.29 15.92
C TYR C 230 -2.99 -32.95 16.30
N GLY C 231 -3.08 -34.16 16.86
CA GLY C 231 -1.87 -34.87 17.26
C GLY C 231 -1.48 -34.66 18.70
N MSE C 232 -2.48 -34.58 19.58
CA MSE C 232 -2.22 -34.39 21.01
C MSE C 232 -3.43 -34.75 21.87
O MSE C 232 -4.48 -35.08 21.28
CB MSE C 232 -1.79 -32.94 21.27
CG MSE C 232 -2.87 -32.04 21.86
SE MSE C 232 -3.07 -30.33 20.97
CE MSE C 232 -4.87 -30.60 20.31
N SER D 2 11.76 -11.28 44.26
CA SER D 2 10.77 -12.00 43.42
C SER D 2 10.06 -11.03 42.48
N ILE D 3 9.53 -9.94 43.02
CA ILE D 3 8.85 -8.95 42.18
C ILE D 3 9.87 -8.32 41.24
N VAL D 4 9.61 -8.46 39.95
CA VAL D 4 10.50 -7.95 38.92
C VAL D 4 10.10 -6.56 38.45
N MSE D 5 8.81 -6.38 38.21
CA MSE D 5 8.32 -5.11 37.74
C MSE D 5 7.24 -4.56 38.66
O MSE D 5 6.44 -5.32 39.22
CB MSE D 5 7.81 -5.23 36.31
CG MSE D 5 7.13 -3.97 35.81
SE MSE D 5 6.74 -4.04 33.95
CE MSE D 5 8.41 -3.36 33.28
N GLN D 6 7.21 -3.24 38.79
CA GLN D 6 6.22 -2.56 39.63
C GLN D 6 5.53 -1.42 38.90
N LEU D 7 4.20 -1.42 38.92
CA LEU D 7 3.44 -0.37 38.27
C LEU D 7 2.81 0.51 39.33
N GLN D 8 3.14 1.80 39.29
CA GLN D 8 2.63 2.77 40.25
C GLN D 8 1.80 3.85 39.58
N ASP D 9 0.48 3.77 39.78
CA ASP D 9 -0.47 4.72 39.21
C ASP D 9 -0.17 5.02 37.75
N VAL D 10 -0.18 3.96 36.93
CA VAL D 10 0.09 4.10 35.50
C VAL D 10 -1.22 4.42 34.82
N ALA D 11 -1.18 5.29 33.81
CA ALA D 11 -2.37 5.62 33.10
C ALA D 11 -2.05 6.79 32.13
N GLU D 12 -2.44 6.66 30.85
CA GLU D 12 -2.25 7.68 29.82
C GLU D 12 -3.58 7.97 29.13
N SER D 13 -4.16 9.14 29.43
CA SER D 13 -5.49 9.55 28.91
C SER D 13 -6.58 8.62 29.45
N THR D 14 -7.77 8.64 28.85
CA THR D 14 -8.89 7.83 29.33
C THR D 14 -8.74 6.36 28.94
N ARG D 15 -8.09 6.03 27.81
CA ARG D 15 -7.94 4.62 27.50
C ARG D 15 -7.39 3.83 28.68
N LEU D 16 -6.33 4.33 29.29
CA LEU D 16 -5.72 3.65 30.43
C LEU D 16 -5.86 4.51 31.69
N GLY D 17 -6.79 4.15 32.56
CA GLY D 17 -6.99 4.89 33.79
C GLY D 17 -5.89 4.57 34.78
N PRO D 18 -5.85 5.23 35.95
CA PRO D 18 -4.83 4.98 36.97
C PRO D 18 -4.82 3.51 37.38
N LEU D 19 -3.67 2.85 37.20
CA LEU D 19 -3.56 1.44 37.51
C LEU D 19 -2.21 1.11 38.13
N SER D 20 -2.22 0.25 39.13
CA SER D 20 -0.98 -0.16 39.79
C SER D 20 -0.99 -1.65 40.09
N GLY D 21 0.20 -2.24 40.07
CA GLY D 21 0.30 -3.68 40.32
C GLY D 21 1.72 -4.19 40.35
N GLU D 22 1.86 -5.48 40.59
CA GLU D 22 3.18 -6.10 40.67
C GLU D 22 3.35 -7.24 39.67
N VAL D 23 4.57 -7.35 39.13
CA VAL D 23 4.90 -8.41 38.18
C VAL D 23 5.93 -9.29 38.88
N ARG D 24 5.49 -10.44 39.37
CA ARG D 24 6.36 -11.38 40.06
C ARG D 24 7.03 -12.37 39.12
N ALA D 25 8.36 -12.47 39.22
CA ALA D 25 9.12 -13.39 38.37
C ALA D 25 8.61 -14.83 38.49
N GLY D 26 9.07 -15.69 37.57
CA GLY D 26 8.64 -17.07 37.58
C GLY D 26 7.14 -17.27 37.52
N GLU D 27 6.41 -16.22 37.14
CA GLU D 27 4.96 -16.29 37.05
C GLU D 27 4.40 -15.78 35.73
N ILE D 28 3.19 -16.27 35.40
CA ILE D 28 2.50 -15.89 34.18
C ILE D 28 1.28 -15.04 34.53
N LEU D 29 1.31 -13.76 34.16
CA LEU D 29 0.21 -12.85 34.43
C LEU D 29 -0.60 -12.59 33.16
N HIS D 30 -1.92 -12.68 33.25
CA HIS D 30 -2.79 -12.45 32.10
C HIS D 30 -3.61 -11.17 32.21
N LEU D 31 -3.51 -10.29 31.23
CA LEU D 31 -4.31 -9.09 31.23
C LEU D 31 -5.66 -9.47 30.65
N VAL D 32 -6.67 -9.57 31.51
CA VAL D 32 -8.00 -9.95 31.11
C VAL D 32 -8.97 -8.77 31.03
N GLY D 33 -9.81 -8.76 30.01
CA GLY D 33 -10.77 -7.67 29.87
C GLY D 33 -11.31 -7.57 28.46
N PRO D 34 -12.37 -6.78 28.24
CA PRO D 34 -13.02 -6.57 26.94
C PRO D 34 -12.15 -5.73 26.02
N ASN D 35 -12.68 -5.42 24.84
CA ASN D 35 -11.94 -4.61 23.88
C ASN D 35 -12.04 -3.14 24.26
N GLY D 36 -10.88 -2.49 24.35
CA GLY D 36 -10.83 -1.09 24.72
C GLY D 36 -10.39 -0.92 26.16
N ALA D 37 -10.48 -2.01 26.92
CA ALA D 37 -10.11 -2.03 28.32
C ALA D 37 -8.65 -1.66 28.63
N GLY D 38 -7.93 -1.09 27.67
CA GLY D 38 -6.54 -0.68 27.92
C GLY D 38 -5.39 -1.67 27.76
N LYS D 39 -5.68 -2.97 27.83
CA LYS D 39 -4.67 -4.05 27.72
C LYS D 39 -3.42 -3.80 26.86
N SER D 40 -3.62 -3.43 25.61
CA SER D 40 -2.48 -3.21 24.72
C SER D 40 -1.65 -2.01 25.18
N THR D 41 -2.32 -0.90 25.48
CA THR D 41 -1.67 0.32 25.94
C THR D 41 -0.82 0.03 27.16
N LEU D 42 -1.39 -0.75 28.07
CA LEU D 42 -0.67 -1.10 29.27
C LEU D 42 0.62 -1.79 28.84
N LEU D 43 0.49 -2.94 28.19
CA LEU D 43 1.65 -3.69 27.73
C LEU D 43 2.73 -2.84 27.06
N ALA D 44 2.30 -1.90 26.21
CA ALA D 44 3.23 -1.02 25.52
C ALA D 44 4.11 -0.26 26.51
N ARG D 45 3.52 0.12 27.64
CA ARG D 45 4.24 0.84 28.68
C ARG D 45 5.26 -0.08 29.29
N MSE D 46 4.76 -1.08 29.99
CA MSE D 46 5.60 -2.07 30.65
C MSE D 46 6.81 -2.42 29.79
O MSE D 46 7.89 -2.68 30.29
CB MSE D 46 4.76 -3.31 30.96
CG MSE D 46 3.44 -2.93 31.59
SE MSE D 46 2.32 -4.39 32.14
CE MSE D 46 3.59 -5.31 33.27
N ALA D 47 6.61 -2.37 28.47
CA ALA D 47 7.68 -2.67 27.53
C ALA D 47 8.69 -1.53 27.49
N GLY D 48 8.19 -0.31 27.34
CA GLY D 48 9.06 0.84 27.27
C GLY D 48 8.85 1.56 25.95
N MSE D 49 7.86 1.09 25.19
CA MSE D 49 7.57 1.68 23.90
C MSE D 49 6.85 3.00 24.04
O MSE D 49 6.99 3.89 23.19
CB MSE D 49 6.73 0.71 23.06
CG MSE D 49 7.38 -0.67 22.86
SE MSE D 49 9.17 -0.59 22.13
CE MSE D 49 8.74 0.26 20.47
N THR D 50 6.10 3.16 25.12
CA THR D 50 5.38 4.41 25.37
C THR D 50 5.76 5.01 26.72
N SER D 51 5.66 6.34 26.80
CA SER D 51 5.98 7.07 28.03
C SER D 51 4.73 7.84 28.48
N GLY D 52 4.71 8.25 29.73
CA GLY D 52 3.56 9.01 30.21
C GLY D 52 3.33 9.07 31.71
N LYS D 53 2.11 9.44 32.07
CA LYS D 53 1.72 9.58 33.47
C LYS D 53 1.64 8.24 34.20
N GLY D 54 2.49 8.11 35.21
CA GLY D 54 2.54 6.91 36.02
C GLY D 54 4.01 6.60 36.26
N SER D 55 4.29 5.57 37.03
CA SER D 55 5.66 5.22 37.33
C SER D 55 5.87 3.70 37.26
N ILE D 56 6.78 3.27 36.40
CA ILE D 56 7.07 1.85 36.26
C ILE D 56 8.55 1.63 36.55
N GLN D 57 8.83 0.75 37.49
CA GLN D 57 10.20 0.43 37.84
C GLN D 57 10.43 -1.04 37.46
N PHE D 58 11.51 -1.27 36.74
CA PHE D 58 11.84 -2.62 36.28
C PHE D 58 13.10 -3.15 36.97
N ALA D 59 12.90 -4.16 37.82
CA ALA D 59 13.99 -4.78 38.55
C ALA D 59 14.90 -3.73 39.20
N GLY D 60 14.32 -2.94 40.10
CA GLY D 60 15.09 -1.91 40.78
C GLY D 60 14.93 -0.56 40.11
N GLN D 61 15.81 -0.26 39.17
CA GLN D 61 15.78 1.00 38.43
C GLN D 61 14.44 1.15 37.71
N PRO D 62 13.98 2.39 37.50
CA PRO D 62 12.70 2.58 36.81
C PRO D 62 12.95 2.50 35.30
N LEU D 63 11.96 2.01 34.55
CA LEU D 63 12.10 1.91 33.10
C LEU D 63 12.81 3.12 32.50
N GLU D 64 12.25 4.29 32.79
CA GLU D 64 12.78 5.55 32.30
C GLU D 64 14.29 5.68 32.50
N ALA D 65 14.82 4.99 33.50
CA ALA D 65 16.24 5.02 33.80
C ALA D 65 17.03 4.07 32.91
N TRP D 66 16.38 2.98 32.49
CA TRP D 66 16.99 1.97 31.64
C TRP D 66 17.44 2.48 30.28
N SER D 67 18.51 1.89 29.76
CA SER D 67 19.00 2.25 28.44
C SER D 67 18.38 1.22 27.51
N ALA D 68 18.05 1.64 26.29
CA ALA D 68 17.44 0.73 25.33
C ALA D 68 18.19 -0.60 25.29
N THR D 69 19.48 -0.52 24.98
CA THR D 69 20.35 -1.69 24.89
C THR D 69 20.17 -2.73 25.99
N LYS D 70 20.37 -2.31 27.23
CA LYS D 70 20.25 -3.22 28.37
C LYS D 70 18.83 -3.74 28.52
N LEU D 71 17.87 -2.86 28.36
CA LEU D 71 16.46 -3.21 28.47
C LEU D 71 16.14 -4.41 27.58
N ALA D 72 16.70 -4.39 26.37
CA ALA D 72 16.48 -5.47 25.41
C ALA D 72 17.09 -6.79 25.85
N LEU D 73 17.92 -6.75 26.88
CA LEU D 73 18.53 -7.98 27.38
C LEU D 73 17.71 -8.54 28.53
N HIS D 74 16.95 -7.67 29.19
CA HIS D 74 16.17 -8.10 30.34
C HIS D 74 14.71 -8.36 30.03
N ARG D 75 14.23 -7.83 28.89
CA ARG D 75 12.84 -8.05 28.51
C ARG D 75 12.62 -8.04 27.01
N ALA D 76 11.59 -8.77 26.58
CA ALA D 76 11.22 -8.84 25.16
C ALA D 76 9.78 -8.43 25.02
N TYR D 77 9.47 -7.72 23.93
CA TYR D 77 8.12 -7.25 23.68
C TYR D 77 7.54 -7.75 22.35
N LEU D 78 6.26 -8.09 22.37
CA LEU D 78 5.60 -8.55 21.16
C LEU D 78 4.31 -7.77 20.95
N SER D 79 4.34 -6.85 19.99
CA SER D 79 3.19 -6.05 19.65
C SER D 79 2.05 -6.92 19.16
N GLN D 80 0.85 -6.37 19.17
CA GLN D 80 -0.34 -7.09 18.73
C GLN D 80 -0.20 -7.57 17.29
N GLN D 81 0.47 -6.77 16.47
CA GLN D 81 0.66 -7.10 15.07
C GLN D 81 1.78 -6.27 14.47
N GLN D 82 2.59 -6.89 13.63
CA GLN D 82 3.71 -6.22 12.98
C GLN D 82 3.86 -6.74 11.55
N THR D 83 3.99 -5.83 10.59
CA THR D 83 4.15 -6.22 9.19
C THR D 83 5.49 -6.89 8.93
N PRO D 84 5.45 -8.16 8.47
CA PRO D 84 6.67 -8.91 8.18
C PRO D 84 7.63 -8.18 7.25
N PRO D 85 8.92 -8.15 7.61
CA PRO D 85 9.94 -7.47 6.79
C PRO D 85 10.06 -8.11 5.41
N PHE D 86 9.87 -7.31 4.36
CA PHE D 86 9.95 -7.83 3.00
C PHE D 86 11.36 -8.33 2.73
N ALA D 87 11.46 -9.43 2.00
CA ALA D 87 12.75 -10.02 1.65
C ALA D 87 13.69 -10.20 2.85
N THR D 88 13.39 -11.21 3.66
CA THR D 88 14.19 -11.54 4.84
C THR D 88 13.86 -12.97 5.23
N PRO D 89 14.83 -13.87 5.13
CA PRO D 89 14.67 -15.28 5.47
C PRO D 89 14.44 -15.54 6.95
N VAL D 90 13.40 -16.30 7.25
CA VAL D 90 13.04 -16.63 8.62
C VAL D 90 14.27 -16.85 9.52
N TRP D 91 15.25 -17.60 9.02
CA TRP D 91 16.43 -17.86 9.84
C TRP D 91 17.21 -16.59 10.20
N HIS D 92 17.20 -15.61 9.32
CA HIS D 92 17.92 -14.37 9.60
C HIS D 92 17.11 -13.61 10.63
N TYR D 93 15.81 -13.56 10.41
CA TYR D 93 14.89 -12.87 11.31
C TYR D 93 15.16 -13.31 12.73
N LEU D 94 15.14 -14.62 12.95
CA LEU D 94 15.38 -15.18 14.27
C LEU D 94 16.75 -14.83 14.80
N THR D 95 17.78 -15.10 14.00
CA THR D 95 19.14 -14.81 14.41
C THR D 95 19.25 -13.39 14.98
N LEU D 96 18.85 -12.41 14.17
CA LEU D 96 18.92 -11.02 14.58
C LEU D 96 18.42 -10.76 16.00
N HIS D 97 17.49 -11.59 16.46
CA HIS D 97 16.93 -11.45 17.79
C HIS D 97 17.82 -12.03 18.88
N GLN D 98 18.74 -12.91 18.49
CA GLN D 98 19.63 -13.55 19.46
C GLN D 98 20.76 -12.63 19.89
N HIS D 99 20.97 -12.55 21.20
CA HIS D 99 22.03 -11.72 21.74
C HIS D 99 23.36 -12.45 21.63
N ASP D 100 23.29 -13.74 21.36
CA ASP D 100 24.48 -14.57 21.19
C ASP D 100 24.28 -15.44 19.95
N LYS D 101 24.64 -14.88 18.80
CA LYS D 101 24.49 -15.57 17.52
C LYS D 101 25.05 -16.98 17.58
N THR D 102 25.99 -17.18 18.51
CA THR D 102 26.65 -18.46 18.71
C THR D 102 25.68 -19.63 18.84
N ARG D 103 24.84 -19.56 19.87
CA ARG D 103 23.85 -20.59 20.18
C ARG D 103 22.92 -20.92 19.04
N THR D 104 23.52 -21.38 17.94
CA THR D 104 22.80 -21.74 16.72
C THR D 104 21.85 -22.92 16.91
N GLU D 105 22.28 -23.94 17.64
CA GLU D 105 21.46 -25.12 17.85
C GLU D 105 20.15 -24.77 18.55
N LEU D 106 20.23 -23.88 19.53
CA LEU D 106 19.06 -23.45 20.28
C LEU D 106 18.00 -22.88 19.33
N LEU D 107 18.46 -22.15 18.33
CA LEU D 107 17.55 -21.57 17.36
C LEU D 107 16.75 -22.71 16.73
N ASN D 108 17.47 -23.72 16.24
CA ASN D 108 16.84 -24.87 15.62
C ASN D 108 15.82 -25.53 16.53
N ASP D 109 16.11 -25.56 17.82
CA ASP D 109 15.19 -26.16 18.78
C ASP D 109 13.88 -25.38 18.85
N VAL D 110 13.99 -24.08 19.13
CA VAL D 110 12.80 -23.25 19.22
C VAL D 110 12.02 -23.27 17.92
N ALA D 111 12.73 -23.12 16.81
CA ALA D 111 12.06 -23.14 15.52
C ALA D 111 11.30 -24.45 15.37
N GLY D 112 11.91 -25.52 15.85
CA GLY D 112 11.29 -26.83 15.77
C GLY D 112 10.03 -26.87 16.59
N ALA D 113 10.18 -26.57 17.88
CA ALA D 113 9.08 -26.55 18.83
C ALA D 113 7.82 -25.90 18.26
N LEU D 114 8.01 -24.83 17.51
CA LEU D 114 6.89 -24.12 16.90
C LEU D 114 6.73 -24.47 15.42
N ALA D 115 7.09 -25.69 15.06
CA ALA D 115 6.98 -26.18 13.69
C ALA D 115 7.51 -25.20 12.65
N LEU D 116 8.80 -24.90 12.71
CA LEU D 116 9.38 -23.96 11.75
C LEU D 116 10.72 -24.41 11.22
N ASP D 117 11.12 -25.63 11.56
CA ASP D 117 12.40 -26.14 11.09
C ASP D 117 12.43 -26.22 9.57
N ASP D 118 11.28 -26.51 8.96
CA ASP D 118 11.20 -26.61 7.52
C ASP D 118 10.87 -25.24 6.92
N LYS D 119 10.56 -24.28 7.79
CA LYS D 119 10.22 -22.94 7.36
C LYS D 119 11.40 -21.99 7.36
N LEU D 120 12.48 -22.36 8.05
CA LEU D 120 13.68 -21.52 8.07
C LEU D 120 14.09 -21.29 6.63
N GLY D 121 14.92 -20.30 6.39
CA GLY D 121 15.35 -20.07 5.02
C GLY D 121 14.30 -19.55 4.06
N ARG D 122 13.03 -19.56 4.47
CA ARG D 122 11.98 -19.04 3.61
C ARG D 122 11.75 -17.57 4.04
N SER D 123 11.61 -16.68 3.07
CA SER D 123 11.40 -15.27 3.36
C SER D 123 10.14 -15.01 4.16
N THR D 124 10.29 -14.24 5.23
CA THR D 124 9.18 -13.89 6.13
C THR D 124 7.98 -13.34 5.39
N ASN D 125 8.23 -12.52 4.38
CA ASN D 125 7.15 -11.91 3.61
C ASN D 125 6.37 -12.97 2.81
N GLN D 126 6.78 -14.23 2.92
CA GLN D 126 6.13 -15.30 2.19
C GLN D 126 5.54 -16.40 3.08
N LEU D 127 5.20 -16.04 4.31
CA LEU D 127 4.62 -17.01 5.24
C LEU D 127 3.12 -16.78 5.34
N SER D 128 2.42 -17.76 5.92
CA SER D 128 0.98 -17.65 6.10
C SER D 128 0.75 -16.91 7.40
N GLY D 129 -0.51 -16.77 7.78
CA GLY D 129 -0.83 -16.07 9.02
C GLY D 129 -0.24 -16.77 10.23
N GLY D 130 -0.74 -17.96 10.52
CA GLY D 130 -0.23 -18.72 11.65
C GLY D 130 1.28 -18.88 11.61
N GLU D 131 1.84 -18.94 10.40
CA GLU D 131 3.26 -19.11 10.26
C GLU D 131 4.04 -17.92 10.79
N TRP D 132 3.74 -16.74 10.26
CA TRP D 132 4.41 -15.51 10.67
C TRP D 132 4.36 -15.36 12.19
N GLN D 133 3.17 -15.58 12.76
CA GLN D 133 3.02 -15.46 14.20
C GLN D 133 4.03 -16.32 14.94
N ARG D 134 4.06 -17.61 14.64
CA ARG D 134 5.00 -18.51 15.28
C ARG D 134 6.42 -18.01 15.05
N VAL D 135 6.67 -17.53 13.84
CA VAL D 135 7.98 -17.00 13.51
C VAL D 135 8.33 -15.85 14.45
N ARG D 136 7.33 -15.01 14.74
CA ARG D 136 7.53 -13.86 15.63
C ARG D 136 7.76 -14.32 17.05
N LEU D 137 6.87 -15.19 17.54
CA LEU D 137 6.99 -15.71 18.89
C LEU D 137 8.38 -16.32 19.06
N ALA D 138 8.73 -17.17 18.10
CA ALA D 138 10.02 -17.84 18.11
C ALA D 138 11.10 -16.79 18.32
N ALA D 139 11.16 -15.83 17.41
CA ALA D 139 12.12 -14.75 17.46
C ALA D 139 12.19 -14.09 18.82
N VAL D 140 11.04 -13.85 19.43
CA VAL D 140 10.99 -13.19 20.72
C VAL D 140 11.56 -14.10 21.81
N VAL D 141 11.17 -15.37 21.77
CA VAL D 141 11.64 -16.33 22.76
C VAL D 141 13.16 -16.44 22.68
N LEU D 142 13.70 -16.75 21.50
CA LEU D 142 15.15 -16.85 21.35
C LEU D 142 15.85 -15.66 21.99
N GLN D 143 15.21 -14.49 21.91
CA GLN D 143 15.78 -13.28 22.47
C GLN D 143 15.92 -13.32 23.99
N ILE D 144 14.92 -13.85 24.67
CA ILE D 144 14.95 -13.84 26.12
C ILE D 144 15.06 -15.17 26.87
N THR D 145 15.30 -16.27 26.16
CA THR D 145 15.39 -17.55 26.83
C THR D 145 16.54 -17.54 27.83
N PRO D 146 16.25 -17.91 29.08
CA PRO D 146 17.29 -17.94 30.11
C PRO D 146 18.43 -18.89 29.72
N GLN D 147 18.12 -19.84 28.85
CA GLN D 147 19.13 -20.78 28.39
C GLN D 147 20.31 -20.05 27.77
N ALA D 148 20.02 -19.20 26.78
CA ALA D 148 21.04 -18.44 26.08
C ALA D 148 21.30 -17.06 26.68
N ASN D 149 20.30 -16.47 27.33
CA ASN D 149 20.47 -15.14 27.90
C ASN D 149 20.24 -15.10 29.40
N PRO D 150 21.30 -14.84 30.16
CA PRO D 150 21.25 -14.76 31.63
C PRO D 150 20.45 -13.57 32.16
N ALA D 151 20.44 -12.48 31.40
CA ALA D 151 19.72 -11.28 31.81
C ALA D 151 18.21 -11.32 31.56
N GLY D 152 17.75 -12.38 30.92
CA GLY D 152 16.32 -12.49 30.63
C GLY D 152 15.49 -12.55 31.90
N GLN D 153 14.51 -11.66 32.01
CA GLN D 153 13.65 -11.63 33.19
C GLN D 153 12.17 -11.46 32.89
N LEU D 154 11.86 -10.71 31.83
CA LEU D 154 10.47 -10.43 31.49
C LEU D 154 10.11 -10.59 30.01
N LEU D 155 8.98 -11.25 29.75
CA LEU D 155 8.51 -11.47 28.38
C LEU D 155 7.07 -10.95 28.22
N LEU D 156 6.93 -9.80 27.60
CA LEU D 156 5.62 -9.19 27.40
C LEU D 156 5.04 -9.56 26.04
N LEU D 157 3.86 -10.19 26.06
CA LEU D 157 3.21 -10.63 24.83
C LEU D 157 1.78 -10.11 24.67
N ASP D 158 1.53 -9.35 23.62
CA ASP D 158 0.20 -8.78 23.37
C ASP D 158 -0.57 -9.59 22.33
N GLU D 159 -1.51 -10.41 22.78
CA GLU D 159 -2.30 -11.25 21.90
C GLU D 159 -1.39 -12.18 21.10
N PRO D 160 -0.80 -13.18 21.78
CA PRO D 160 0.10 -14.13 21.12
C PRO D 160 -0.58 -15.22 20.29
N MSE D 161 -1.59 -15.87 20.87
CA MSE D 161 -2.31 -16.96 20.22
C MSE D 161 -2.98 -16.58 18.90
O MSE D 161 -3.63 -17.41 18.27
CB MSE D 161 -3.38 -17.50 21.15
CG MSE D 161 -2.89 -17.73 22.56
SE MSE D 161 -1.75 -19.28 22.72
CE MSE D 161 -0.10 -18.49 22.08
N ASN D 162 -2.82 -15.34 18.48
CA ASN D 162 -3.43 -14.88 17.25
C ASN D 162 -3.00 -15.74 16.07
N SER D 163 -3.97 -16.33 15.37
CA SER D 163 -3.71 -17.17 14.20
C SER D 163 -3.30 -18.61 14.49
N LEU D 164 -3.03 -18.92 15.75
CA LEU D 164 -2.63 -20.27 16.07
C LEU D 164 -3.85 -21.17 16.27
N ASP D 165 -3.66 -22.46 15.98
CA ASP D 165 -4.73 -23.42 16.17
C ASP D 165 -4.52 -24.09 17.52
N VAL D 166 -5.54 -24.79 17.99
CA VAL D 166 -5.43 -25.44 19.29
C VAL D 166 -4.05 -26.01 19.52
N ALA D 167 -3.55 -26.73 18.52
CA ALA D 167 -2.23 -27.35 18.58
C ALA D 167 -1.10 -26.35 18.77
N GLN D 168 -0.96 -25.42 17.82
CA GLN D 168 0.09 -24.40 17.88
C GLN D 168 0.00 -23.64 19.19
N GLN D 169 -1.21 -23.61 19.74
CA GLN D 169 -1.39 -22.94 21.00
C GLN D 169 -0.67 -23.80 22.03
N SER D 170 -1.18 -25.02 22.23
CA SER D 170 -0.57 -25.97 23.17
C SER D 170 0.93 -25.96 23.01
N ALA D 171 1.39 -25.84 21.77
CA ALA D 171 2.80 -25.80 21.49
C ALA D 171 3.46 -24.69 22.30
N LEU D 172 2.96 -23.46 22.13
CA LEU D 172 3.51 -22.31 22.83
C LEU D 172 3.32 -22.39 24.34
N ASP D 173 2.23 -23.02 24.77
CA ASP D 173 1.97 -23.16 26.20
C ASP D 173 3.19 -23.83 26.83
N LYS D 174 3.62 -24.92 26.22
CA LYS D 174 4.78 -25.65 26.74
C LYS D 174 5.99 -24.73 26.81
N ILE D 175 6.20 -23.94 25.76
CA ILE D 175 7.34 -23.04 25.75
C ILE D 175 7.25 -22.02 26.89
N LEU D 176 6.10 -21.36 27.01
CA LEU D 176 5.93 -20.37 28.05
C LEU D 176 6.15 -20.98 29.43
N SER D 177 5.52 -22.12 29.70
CA SER D 177 5.68 -22.79 30.99
C SER D 177 7.16 -22.99 31.23
N ALA D 178 7.80 -23.73 30.33
CA ALA D 178 9.23 -24.00 30.40
C ALA D 178 10.00 -22.72 30.69
N LEU D 179 9.46 -21.60 30.22
CA LEU D 179 10.11 -20.30 30.42
C LEU D 179 9.98 -19.75 31.83
N CYS D 180 8.78 -19.79 32.39
CA CYS D 180 8.63 -19.24 33.74
C CYS D 180 9.26 -20.21 34.73
N GLN D 181 9.29 -21.49 34.38
CA GLN D 181 9.90 -22.48 35.24
C GLN D 181 11.38 -22.17 35.38
N GLN D 182 11.94 -21.50 34.38
CA GLN D 182 13.34 -21.12 34.40
C GLN D 182 13.47 -19.78 35.11
N GLY D 183 12.35 -19.30 35.64
CA GLY D 183 12.35 -18.04 36.36
C GLY D 183 11.96 -16.81 35.58
N LEU D 184 11.40 -16.98 34.39
CA LEU D 184 11.00 -15.82 33.60
C LEU D 184 9.67 -15.25 34.06
N ALA D 185 9.48 -13.97 33.78
CA ALA D 185 8.24 -13.29 34.13
C ALA D 185 7.51 -13.11 32.81
N ILE D 186 6.39 -13.80 32.66
CA ILE D 186 5.60 -13.72 31.44
C ILE D 186 4.29 -12.96 31.63
N VAL D 187 4.16 -11.84 30.93
CA VAL D 187 2.95 -11.04 31.00
C VAL D 187 2.35 -10.96 29.59
N MSE D 188 1.14 -11.48 29.44
CA MSE D 188 0.48 -11.48 28.15
C MSE D 188 -1.02 -11.19 28.29
O MSE D 188 -1.61 -11.50 29.31
CB MSE D 188 0.66 -12.85 27.50
CG MSE D 188 -0.09 -13.97 28.21
SE MSE D 188 0.25 -15.67 27.41
CE MSE D 188 0.32 -16.80 28.98
N SER D 189 -1.62 -10.65 27.24
CA SER D 189 -3.04 -10.33 27.25
C SER D 189 -3.89 -11.54 26.92
N SER D 190 -4.50 -12.14 27.96
CA SER D 190 -5.35 -13.32 27.82
C SER D 190 -6.46 -13.15 26.79
N HIS D 191 -6.69 -14.21 26.03
CA HIS D 191 -7.71 -14.23 24.99
C HIS D 191 -8.92 -15.07 25.38
N ASP D 192 -8.66 -16.23 25.98
CA ASP D 192 -9.72 -17.15 26.36
C ASP D 192 -9.74 -17.33 27.87
N LEU D 193 -10.90 -17.16 28.49
CA LEU D 193 -11.01 -17.29 29.93
C LEU D 193 -10.65 -18.69 30.43
N ASN D 194 -11.20 -19.73 29.81
CA ASN D 194 -10.86 -21.07 30.25
C ASN D 194 -9.33 -21.20 30.17
N HIS D 195 -8.73 -20.73 29.07
CA HIS D 195 -7.27 -20.77 28.98
C HIS D 195 -6.63 -20.09 30.17
N THR D 196 -6.91 -18.80 30.34
CA THR D 196 -6.32 -18.05 31.44
C THR D 196 -6.51 -18.76 32.78
N LEU D 197 -7.67 -19.39 32.95
CA LEU D 197 -7.94 -20.13 34.18
C LEU D 197 -7.01 -21.32 34.28
N ARG D 198 -6.93 -22.05 33.17
CA ARG D 198 -6.12 -23.26 33.08
C ARG D 198 -4.61 -23.04 33.07
N HIS D 199 -4.14 -21.96 32.45
CA HIS D 199 -2.70 -21.73 32.35
C HIS D 199 -2.05 -20.54 33.06
N ALA D 200 -2.82 -19.50 33.36
CA ALA D 200 -2.26 -18.32 34.02
C ALA D 200 -2.06 -18.51 35.51
N HIS D 201 -1.23 -17.66 36.10
CA HIS D 201 -0.96 -17.71 37.53
C HIS D 201 -1.74 -16.58 38.19
N ARG D 202 -1.30 -15.35 37.94
CA ARG D 202 -1.98 -14.16 38.46
C ARG D 202 -2.81 -13.62 37.30
N ALA D 203 -3.58 -12.55 37.51
CA ALA D 203 -4.40 -12.02 36.42
C ALA D 203 -5.13 -10.72 36.72
N TRP D 204 -4.69 -9.63 36.11
CA TRP D 204 -5.35 -8.35 36.29
C TRP D 204 -6.57 -8.35 35.37
N LEU D 205 -7.68 -7.78 35.82
CA LEU D 205 -8.89 -7.73 35.03
C LEU D 205 -9.31 -6.31 34.73
N LEU D 206 -8.67 -5.68 33.75
CA LEU D 206 -9.03 -4.32 33.38
C LEU D 206 -10.42 -4.23 32.75
N LYS D 207 -10.97 -3.02 32.77
CA LYS D 207 -12.28 -2.72 32.20
C LYS D 207 -12.29 -1.22 32.00
N GLY D 208 -12.84 -0.78 30.87
CA GLY D 208 -12.89 0.64 30.58
C GLY D 208 -11.51 1.28 30.61
N GLY D 209 -10.56 0.64 31.28
CA GLY D 209 -9.22 1.17 31.36
C GLY D 209 -8.70 1.09 32.78
N LYS D 210 -9.60 0.75 33.70
CA LYS D 210 -9.26 0.65 35.11
C LYS D 210 -9.25 -0.81 35.58
N MSE D 211 -8.50 -1.09 36.63
CA MSE D 211 -8.37 -2.44 37.15
C MSE D 211 -9.47 -2.87 38.13
O MSE D 211 -9.46 -2.44 39.28
CB MSE D 211 -7.01 -2.63 37.80
CG MSE D 211 -6.73 -4.05 38.24
SE MSE D 211 -4.94 -4.25 38.88
CE MSE D 211 -5.30 -4.08 40.78
N LEU D 212 -10.38 -3.71 37.69
CA LEU D 212 -11.45 -4.18 38.55
C LEU D 212 -10.96 -5.20 39.56
N ALA D 213 -9.82 -5.84 39.28
CA ALA D 213 -9.30 -6.85 40.19
C ALA D 213 -7.87 -7.29 39.86
N SER D 214 -7.34 -8.19 40.68
CA SER D 214 -5.99 -8.73 40.50
C SER D 214 -5.82 -9.94 41.41
N GLY D 215 -4.63 -10.56 41.36
CA GLY D 215 -4.38 -11.73 42.19
C GLY D 215 -4.55 -13.05 41.45
N ARG D 216 -4.56 -14.16 42.18
CA ARG D 216 -4.70 -15.46 41.56
C ARG D 216 -5.86 -15.49 40.56
N ARG D 217 -5.58 -16.01 39.36
CA ARG D 217 -6.58 -16.08 38.33
C ARG D 217 -7.89 -16.72 38.77
N GLU D 218 -7.81 -17.68 39.69
CA GLU D 218 -9.03 -18.34 40.15
C GLU D 218 -9.92 -17.42 40.97
N GLU D 219 -9.31 -16.46 41.66
CA GLU D 219 -10.05 -15.52 42.48
C GLU D 219 -10.55 -14.37 41.61
N VAL D 220 -9.67 -13.88 40.74
CA VAL D 220 -9.99 -12.77 39.86
C VAL D 220 -11.05 -13.08 38.82
N LEU D 221 -11.08 -14.31 38.32
CA LEU D 221 -12.06 -14.67 37.31
C LEU D 221 -13.35 -15.22 37.92
N THR D 222 -14.02 -14.37 38.69
CA THR D 222 -15.27 -14.77 39.34
C THR D 222 -16.47 -14.07 38.69
N PRO D 223 -17.60 -14.79 38.52
CA PRO D 223 -18.82 -14.25 37.91
C PRO D 223 -19.12 -12.80 38.27
N PRO D 224 -18.99 -12.44 39.56
CA PRO D 224 -19.25 -11.05 39.94
C PRO D 224 -18.37 -10.10 39.15
N ASN D 225 -17.07 -10.39 39.13
CA ASN D 225 -16.12 -9.56 38.41
C ASN D 225 -16.29 -9.64 36.90
N LEU D 226 -16.34 -10.87 36.38
CA LEU D 226 -16.51 -11.07 34.94
C LEU D 226 -17.71 -10.29 34.45
N ALA D 227 -18.79 -10.35 35.23
CA ALA D 227 -20.00 -9.64 34.87
C ALA D 227 -19.73 -8.15 34.96
N GLN D 228 -19.06 -7.74 36.03
CA GLN D 228 -18.75 -6.33 36.20
C GLN D 228 -17.90 -5.85 35.02
N ALA D 229 -17.08 -6.76 34.48
CA ALA D 229 -16.19 -6.45 33.38
C ALA D 229 -16.82 -6.54 31.99
N TYR D 230 -17.50 -7.65 31.71
CA TYR D 230 -18.10 -7.82 30.39
C TYR D 230 -19.57 -7.42 30.34
N GLY D 231 -20.29 -7.66 31.42
CA GLY D 231 -21.70 -7.32 31.47
C GLY D 231 -22.61 -8.47 31.10
N MSE D 232 -22.25 -9.68 31.52
CA MSE D 232 -23.07 -10.85 31.24
C MSE D 232 -22.72 -12.03 32.16
O MSE D 232 -21.76 -11.89 32.95
CB MSE D 232 -22.90 -11.26 29.76
CG MSE D 232 -22.00 -12.45 29.51
SE MSE D 232 -20.69 -12.17 28.11
CE MSE D 232 -19.10 -12.29 29.21
V1 V4O E . -7.47 -23.36 6.85
O0 V4O E . -8.82 -23.04 7.61
O1 V4O E . -7.19 -24.92 7.20
V2 V4O E . -4.72 -21.38 7.16
O2 V4O E . -4.93 -19.80 7.53
O3 V4O E . -6.13 -22.32 7.43
O4 V4O E . -3.53 -21.93 8.10
V3 V4O E . -4.53 -21.28 3.68
O5 V4O E . -4.82 -19.72 3.32
O6 V4O E . -4.30 -21.48 5.41
O7 V4O E . -3.18 -21.61 2.92
V4 V4O E . -7.28 -23.26 3.36
O8 V4O E . -5.88 -22.32 3.10
O9 V4O E . -7.70 -23.16 5.12
O10 V4O E . -8.48 -22.70 2.42
O11 V4O E . -7.07 -24.84 3.00
V1 V4O F . -7.53 -3.53 24.11
O0 V4O F . -6.74 -4.84 24.48
O1 V4O F . -8.59 -3.34 25.33
V2 V4O F . -8.95 -3.11 21.04
O2 V4O F . -8.29 -3.91 19.77
O3 V4O F . -8.40 -3.72 22.55
O4 V4O F . -10.55 -3.29 20.96
V3 V4O F . -7.34 -0.01 20.86
O5 V4O F . -6.29 -0.21 19.63
O6 V4O F . -8.45 -1.38 20.93
O7 V4O F . -8.14 1.30 20.48
V4 V4O F . -5.93 -0.44 23.92
O8 V4O F . -6.47 0.17 22.41
O9 V4O F . -6.42 -2.17 24.04
O10 V4O F . -4.32 -0.25 24.01
O11 V4O F . -6.58 0.36 25.19
#